data_6HN4
#
_entry.id   6HN4
#
_cell.length_a   1.0
_cell.length_b   1.0
_cell.length_c   1.0
_cell.angle_alpha   90.00
_cell.angle_beta   90.00
_cell.angle_gamma   90.00
#
_symmetry.space_group_name_H-M   'P 1'
#
loop_
_entity.id
_entity.type
_entity.pdbx_description
1 polymer 'Insulin receptor,Insulin receptor,General control protein GCN4'
2 non-polymer 2-acetamido-2-deoxy-beta-D-glucopyranose
#
_entity_poly.entity_id   1
_entity_poly.type   'polypeptide(L)'
_entity_poly.pdbx_seq_one_letter_code
;HLYPGEVCPGMDIRNNLTRLHELENCSVIEGHLQILLMFKTRPEDFRDLSFPKLIMITDYLLLFRVYGLESLKDLFPNLT
VIRGSRLFFNYALVIFEMVHLKELGLYNLMNITRGSVRIEKNNELCYLATIDWSRILDSVEDNHIVLNKDDNEECGDICP
GTAKGKTNCPATVINGQFVERCWTHSHCQKVCPTICKSHGCTAEGLCCHSECLGNCSQPDDPTKCVACRNFYLDGRCVET
CPPPYYHFQDWRCVNFSFCQDLHHKCKNSRRQGCHQYVIHNNKCIPECPSGYTMNSSNLLCTPCLGPCPKVCHLLEGEKT
IDSVTSAQELRGCTVINGSLIINIRGGNNLAAELEANLGLIEEISGYLKIRRSYALVSLSFFRKLRLIRGETLEIGNYSF
YALDNQNLRQLWDWSKHNLTTTQGKLFFHYNPKLCLSEIHKMEEVSGTKGRQERNDIALKTNGDKASCENELLKFSYIRT
SFDKILLRWEPYWPPDFRDLLGFMLFYKEAPYQNVTEFDGQDACGSNSWTVVDIDPPLRSNDPKSQNHPGWLMRGLKPWT
QYAIFVKTLVTFSDERRTYGAKSDIIYVQTDATNPSVPLDPISVSNSSSQIILKWKPPSDPNGNITHYLVFWERQAEDSE
LFELDYCLKGLKLPSRTWSPPFESEDSQKHNQSEYEDSAGECCSCPKTDSQILKELEESSFRKTFEDYLHNVVFVPRPSR
KRRSLGDVGNAGNNEEHRPFEKVVNKESLVISGLRHFTGYRIELQACNQDTPEERCSVAAYVSARTMPEAKADDIVGPVT
HEIFENNVVHLMWQEPKEPNGLIVLYEVSYRRYGDEELHLCVSRKHFALERGCRLRGLSPGNYSVRIRATSLAGNGSWTE
PTYFYVTDYLDVPSNIARMKQLEDKVEELLSKNYHLENEVARLKKLVGER
;
_entity_poly.pdbx_strand_id   E,F
#
loop_
_chem_comp.id
_chem_comp.type
_chem_comp.name
_chem_comp.formula
NAG D-saccharide, beta linking 2-acetamido-2-deoxy-beta-D-glucopyranose 'C8 H15 N O6'
#
# COMPACT_ATOMS: atom_id res chain seq x y z
N PRO A 595 -11.87 34.69 -3.39
CA PRO A 595 -12.77 34.05 -2.42
C PRO A 595 -12.15 32.82 -1.78
N SER A 596 -12.65 32.44 -0.61
CA SER A 596 -12.29 31.21 0.08
C SER A 596 -12.53 29.96 -0.79
N VAL A 597 -11.98 28.84 -0.30
CA VAL A 597 -12.09 27.55 -0.98
C VAL A 597 -13.53 27.04 -0.84
N PRO A 598 -14.11 26.41 -1.87
CA PRO A 598 -15.43 25.76 -1.68
C PRO A 598 -15.35 24.68 -0.63
N LEU A 599 -16.39 24.58 0.20
CA LEU A 599 -16.37 23.64 1.30
C LEU A 599 -17.10 22.34 1.01
N ASP A 600 -16.72 21.33 1.79
CA ASP A 600 -17.25 19.96 1.81
C ASP A 600 -17.68 19.34 0.48
N PRO A 601 -16.76 19.17 -0.48
CA PRO A 601 -17.19 18.50 -1.72
C PRO A 601 -17.31 17.01 -1.48
N ILE A 602 -18.34 16.41 -2.07
CA ILE A 602 -18.56 14.96 -2.04
C ILE A 602 -18.90 14.50 -3.46
N SER A 603 -18.16 13.53 -3.95
CA SER A 603 -18.37 12.94 -5.26
C SER A 603 -19.12 11.64 -5.09
N VAL A 604 -20.29 11.51 -5.72
CA VAL A 604 -21.11 10.32 -5.56
C VAL A 604 -21.57 9.97 -6.97
N SER A 605 -21.75 8.67 -7.23
CA SER A 605 -22.23 8.22 -8.54
C SER A 605 -23.37 7.23 -8.31
N ASN A 606 -24.59 7.65 -8.64
CA ASN A 606 -25.77 6.82 -8.46
C ASN A 606 -26.14 6.04 -9.72
N SER A 607 -25.53 6.39 -10.85
CA SER A 607 -25.83 5.81 -12.14
C SER A 607 -24.54 5.41 -12.83
N SER A 608 -24.68 4.63 -13.90
CA SER A 608 -23.54 4.24 -14.72
C SER A 608 -22.99 5.39 -15.54
N SER A 609 -23.72 6.50 -15.67
CA SER A 609 -23.26 7.65 -16.44
C SER A 609 -23.36 8.97 -15.69
N GLN A 610 -24.12 9.04 -14.60
CA GLN A 610 -24.36 10.29 -13.87
C GLN A 610 -23.42 10.36 -12.66
N ILE A 611 -22.77 11.51 -12.48
CA ILE A 611 -21.99 11.81 -11.28
C ILE A 611 -22.61 13.03 -10.60
N ILE A 612 -22.87 12.91 -9.31
CA ILE A 612 -23.51 13.95 -8.51
C ILE A 612 -22.50 14.47 -7.49
N LEU A 613 -21.96 15.63 -7.84
CA LEU A 613 -21.00 16.38 -7.05
C LEU A 613 -21.78 17.34 -6.17
N LYS A 614 -21.48 17.37 -4.87
CA LYS A 614 -22.16 18.29 -3.97
C LYS A 614 -21.13 19.07 -3.16
N TRP A 615 -21.48 20.29 -2.79
CA TRP A 615 -20.58 21.14 -2.02
C TRP A 615 -21.35 22.23 -1.28
N LYS A 616 -20.69 22.78 -0.24
CA LYS A 616 -21.13 23.93 0.53
C LYS A 616 -20.36 25.16 0.06
N PRO A 617 -20.92 26.37 0.13
CA PRO A 617 -20.20 27.56 -0.39
C PRO A 617 -19.02 27.94 0.47
N PRO A 618 -18.07 28.71 -0.08
CA PRO A 618 -16.88 29.14 0.68
C PRO A 618 -17.21 29.89 1.96
N SER A 619 -16.46 29.57 3.02
CA SER A 619 -16.59 30.25 4.31
C SER A 619 -16.40 31.77 4.22
N ASP A 620 -15.62 32.24 3.25
CA ASP A 620 -15.34 33.68 3.10
C ASP A 620 -15.52 34.05 1.64
N PRO A 621 -16.76 34.33 1.21
CA PRO A 621 -16.99 34.68 -0.20
C PRO A 621 -16.40 36.02 -0.61
N ASN A 622 -16.17 36.94 0.34
CA ASN A 622 -15.61 38.29 0.15
C ASN A 622 -16.12 38.98 -1.12
N GLY A 623 -17.45 38.95 -1.29
CA GLY A 623 -18.05 39.49 -2.49
C GLY A 623 -19.25 38.66 -2.88
N ASN A 624 -20.04 39.13 -3.84
CA ASN A 624 -21.18 38.36 -4.29
C ASN A 624 -20.67 37.32 -5.27
N ILE A 625 -20.82 36.04 -4.90
CA ILE A 625 -20.39 34.93 -5.75
C ILE A 625 -21.27 34.85 -6.98
N THR A 626 -20.63 34.91 -8.16
CA THR A 626 -21.39 34.83 -9.39
C THR A 626 -21.65 33.39 -9.82
N HIS A 627 -20.63 32.54 -9.84
CA HIS A 627 -20.83 31.16 -10.27
C HIS A 627 -19.75 30.25 -9.75
N TYR A 628 -19.94 28.96 -10.00
CA TYR A 628 -18.93 27.94 -9.74
C TYR A 628 -18.42 27.45 -11.09
N LEU A 629 -17.27 26.80 -11.06
CA LEU A 629 -16.57 26.35 -12.25
C LEU A 629 -16.12 24.91 -12.06
N VAL A 630 -16.85 23.96 -12.65
CA VAL A 630 -16.56 22.54 -12.53
C VAL A 630 -15.78 22.10 -13.76
N PHE A 631 -14.66 21.42 -13.53
CA PHE A 631 -13.83 20.77 -14.55
C PHE A 631 -13.80 19.27 -14.26
N TRP A 632 -13.99 18.45 -15.28
CA TRP A 632 -13.81 17.00 -15.13
C TRP A 632 -12.80 16.51 -16.16
N GLU A 633 -12.13 15.40 -15.84
CA GLU A 633 -11.08 14.89 -16.71
C GLU A 633 -10.94 13.37 -16.57
N ARG A 634 -10.97 12.68 -17.72
CA ARG A 634 -10.78 11.24 -17.74
C ARG A 634 -9.33 10.85 -17.48
N GLN A 635 -9.13 9.92 -16.56
CA GLN A 635 -7.83 9.34 -16.30
C GLN A 635 -7.67 8.10 -17.20
N ALA A 636 -6.56 8.02 -17.93
CA ALA A 636 -6.34 6.85 -18.81
C ALA A 636 -6.23 5.55 -18.02
N GLU A 637 -6.56 4.44 -18.69
CA GLU A 637 -6.46 3.13 -18.05
C GLU A 637 -5.04 2.57 -17.99
N ASP A 638 -4.75 1.92 -16.85
CA ASP A 638 -3.48 1.30 -16.49
C ASP A 638 -2.86 0.31 -17.47
N SER A 639 -1.85 0.73 -18.25
CA SER A 639 -1.16 -0.09 -19.28
C SER A 639 -0.88 -1.55 -18.89
N GLU A 640 -0.29 -1.70 -17.70
CA GLU A 640 0.11 -2.98 -17.10
C GLU A 640 -1.03 -3.97 -16.93
N LEU A 641 -2.27 -3.48 -16.76
CA LEU A 641 -3.45 -4.35 -16.63
C LEU A 641 -3.63 -5.24 -17.85
N PHE A 642 -3.19 -4.78 -19.03
CA PHE A 642 -3.32 -5.58 -20.23
C PHE A 642 -2.26 -6.67 -20.32
N GLU A 643 -1.21 -6.61 -19.50
CA GLU A 643 -0.07 -7.53 -19.60
C GLU A 643 0.14 -8.41 -18.36
N LEU A 644 -0.93 -8.77 -17.63
CA LEU A 644 -0.76 -9.67 -16.49
C LEU A 644 -1.57 -10.96 -16.58
N ASP A 645 -0.91 -12.05 -16.16
CA ASP A 645 -1.46 -13.40 -16.10
C ASP A 645 -1.92 -13.63 -14.65
N TYR A 646 -3.23 -13.71 -14.44
CA TYR A 646 -3.78 -13.88 -13.10
C TYR A 646 -3.84 -15.33 -12.61
N CYS A 647 -3.30 -16.27 -13.39
CA CYS A 647 -3.17 -17.67 -12.96
C CYS A 647 -1.82 -17.88 -12.26
N HIS A 737 -8.40 23.21 -22.69
CA HIS A 737 -9.80 23.09 -22.34
C HIS A 737 -10.37 21.69 -22.60
N ARG A 738 -10.97 21.19 -21.59
CA ARG A 738 -11.76 20.06 -21.14
C ARG A 738 -13.22 20.48 -21.06
N PRO A 739 -14.18 19.57 -21.18
CA PRO A 739 -15.59 19.96 -20.99
C PRO A 739 -15.78 20.42 -19.55
N PHE A 740 -16.40 21.59 -19.41
CA PHE A 740 -16.62 22.22 -18.12
C PHE A 740 -18.03 22.74 -18.00
N GLU A 741 -18.31 23.39 -16.87
CA GLU A 741 -19.63 23.93 -16.62
C GLU A 741 -19.57 25.01 -15.55
N LYS A 742 -20.29 26.11 -15.80
CA LYS A 742 -20.43 27.19 -14.82
C LYS A 742 -21.77 27.05 -14.12
N VAL A 743 -21.72 26.63 -12.86
CA VAL A 743 -22.90 26.35 -12.07
C VAL A 743 -23.35 27.63 -11.37
N VAL A 744 -24.47 28.19 -11.80
CA VAL A 744 -25.00 29.43 -11.23
C VAL A 744 -26.12 29.05 -10.27
N ASN A 745 -26.18 29.75 -9.13
CA ASN A 745 -27.18 29.62 -8.06
C ASN A 745 -27.60 28.20 -7.68
N LYS A 746 -26.61 27.30 -7.59
CA LYS A 746 -26.85 25.89 -7.31
C LYS A 746 -25.57 25.36 -6.67
N GLU A 747 -25.70 24.33 -5.83
CA GLU A 747 -24.56 23.79 -5.12
C GLU A 747 -24.49 22.28 -5.28
N SER A 748 -24.70 21.82 -6.50
CA SER A 748 -24.65 20.41 -6.89
C SER A 748 -24.62 20.35 -8.40
N LEU A 749 -24.02 19.29 -8.93
CA LEU A 749 -23.99 19.10 -10.38
C LEU A 749 -24.11 17.63 -10.71
N VAL A 750 -24.84 17.33 -11.79
CA VAL A 750 -24.94 15.97 -12.32
C VAL A 750 -24.29 15.95 -13.70
N ILE A 751 -23.13 15.31 -13.76
CA ILE A 751 -22.33 15.16 -14.98
C ILE A 751 -22.79 13.90 -15.71
N SER A 752 -23.27 14.07 -16.94
CA SER A 752 -23.81 12.98 -17.75
C SER A 752 -22.91 12.66 -18.93
N GLY A 753 -23.22 11.53 -19.57
CA GLY A 753 -22.52 11.03 -20.74
C GLY A 753 -21.09 10.66 -20.44
N LEU A 754 -20.88 9.88 -19.39
CA LEU A 754 -19.56 9.49 -18.96
C LEU A 754 -19.32 8.00 -19.10
N ARG A 755 -18.07 7.64 -19.40
CA ARG A 755 -17.70 6.25 -19.59
C ARG A 755 -17.86 5.40 -18.33
N HIS A 756 -18.40 4.20 -18.53
CA HIS A 756 -18.68 3.25 -17.46
C HIS A 756 -17.41 2.71 -16.80
N PHE A 757 -17.44 2.66 -15.46
CA PHE A 757 -16.36 2.19 -14.58
C PHE A 757 -15.00 2.79 -14.94
N THR A 758 -14.95 4.12 -14.88
CA THR A 758 -13.76 4.88 -15.21
C THR A 758 -13.53 5.93 -14.15
N GLY A 759 -12.27 6.15 -13.76
CA GLY A 759 -11.97 7.15 -12.76
C GLY A 759 -11.85 8.52 -13.41
N TYR A 760 -12.24 9.55 -12.65
CA TYR A 760 -12.23 10.93 -13.11
C TYR A 760 -11.73 11.89 -12.05
N ARG A 761 -10.92 12.84 -12.50
CA ARG A 761 -10.40 13.94 -11.70
C ARG A 761 -11.33 15.15 -11.86
N ILE A 762 -11.94 15.60 -10.77
CA ILE A 762 -12.87 16.73 -10.80
C ILE A 762 -12.24 17.89 -10.02
N GLU A 763 -12.10 19.02 -10.68
CA GLU A 763 -11.56 20.26 -10.13
C GLU A 763 -12.69 21.30 -10.01
N LEU A 764 -13.08 21.66 -8.79
CA LEU A 764 -14.13 22.64 -8.56
C LEU A 764 -13.57 23.98 -8.07
N GLN A 765 -14.00 25.09 -8.69
CA GLN A 765 -13.57 26.41 -8.24
C GLN A 765 -14.78 27.33 -8.10
N ALA A 766 -14.60 28.45 -7.39
CA ALA A 766 -15.64 29.46 -7.23
C ALA A 766 -15.19 30.80 -7.81
N CYS A 767 -16.07 31.48 -8.55
CA CYS A 767 -15.77 32.76 -9.17
C CYS A 767 -16.81 33.78 -8.73
N ASN A 768 -16.33 34.99 -8.44
CA ASN A 768 -17.18 36.10 -8.00
C ASN A 768 -17.08 37.32 -8.91
N GLN A 769 -16.69 37.11 -10.18
CA GLN A 769 -16.60 38.12 -11.23
C GLN A 769 -16.18 37.48 -12.54
N ASP A 770 -16.81 37.90 -13.63
CA ASP A 770 -16.52 37.38 -14.96
C ASP A 770 -16.27 38.60 -15.84
N GLU A 774 -9.75 36.62 -15.02
CA GLU A 774 -10.71 36.21 -14.00
C GLU A 774 -10.01 35.90 -12.68
N ARG A 775 -10.65 36.30 -11.59
CA ARG A 775 -10.17 36.04 -10.23
C ARG A 775 -11.12 35.08 -9.52
N CYS A 776 -10.66 33.85 -9.33
CA CYS A 776 -11.42 32.75 -8.77
C CYS A 776 -10.63 32.13 -7.63
N SER A 777 -11.33 31.35 -6.83
CA SER A 777 -10.78 30.63 -5.69
C SER A 777 -9.81 29.56 -6.15
N VAL A 778 -8.91 29.17 -5.24
CA VAL A 778 -8.06 28.01 -5.50
C VAL A 778 -8.95 26.78 -5.53
N ALA A 779 -8.59 25.83 -6.38
CA ALA A 779 -9.38 24.64 -6.62
C ALA A 779 -9.56 23.70 -5.43
N ALA A 780 -10.68 22.98 -5.49
CA ALA A 780 -11.09 21.90 -4.60
C ALA A 780 -11.12 20.62 -5.43
N TYR A 781 -10.12 19.78 -5.23
CA TYR A 781 -9.96 18.52 -5.97
C TYR A 781 -10.69 17.37 -5.33
N VAL A 782 -11.32 16.55 -6.18
CA VAL A 782 -12.07 15.39 -5.72
C VAL A 782 -12.04 14.38 -6.86
N SER A 783 -12.03 13.10 -6.51
CA SER A 783 -11.92 12.03 -7.49
C SER A 783 -13.10 11.07 -7.37
N ALA A 784 -13.59 10.59 -8.52
CA ALA A 784 -14.72 9.68 -8.47
C ALA A 784 -14.62 8.64 -9.58
N ARG A 785 -15.02 7.42 -9.27
CA ARG A 785 -15.05 6.34 -10.26
C ARG A 785 -16.50 6.02 -10.60
N THR A 786 -16.84 6.10 -11.88
CA THR A 786 -18.18 5.78 -12.36
C THR A 786 -18.55 4.31 -12.09
N MET A 787 -19.85 4.03 -12.17
CA MET A 787 -20.35 2.68 -12.03
C MET A 787 -20.04 1.84 -13.27
N PRO A 788 -20.06 0.50 -13.15
CA PRO A 788 -19.90 -0.35 -14.33
C PRO A 788 -21.24 -0.46 -15.04
N GLU A 789 -21.26 -1.13 -16.19
CA GLU A 789 -22.55 -1.41 -16.80
C GLU A 789 -23.08 -2.77 -16.37
N ALA A 790 -24.38 -2.96 -16.59
CA ALA A 790 -25.06 -4.20 -16.22
C ALA A 790 -24.57 -5.38 -17.05
N LYS A 791 -24.78 -5.35 -18.37
CA LYS A 791 -24.46 -6.48 -19.22
C LYS A 791 -23.23 -6.26 -20.08
N ALA A 792 -22.34 -5.31 -19.70
CA ALA A 792 -21.13 -5.04 -20.48
C ALA A 792 -20.25 -6.27 -20.63
N ASP A 793 -20.21 -7.11 -19.61
CA ASP A 793 -19.33 -8.28 -19.60
C ASP A 793 -20.03 -9.56 -20.03
N ASP A 794 -21.35 -9.55 -20.16
CA ASP A 794 -22.07 -10.73 -20.62
C ASP A 794 -21.69 -11.09 -22.05
N ILE A 795 -21.43 -12.38 -22.25
CA ILE A 795 -21.02 -12.89 -23.55
C ILE A 795 -22.26 -13.19 -24.36
N VAL A 796 -22.28 -12.71 -25.60
CA VAL A 796 -23.38 -12.94 -26.52
C VAL A 796 -22.88 -13.76 -27.71
N GLY A 797 -23.78 -14.13 -28.60
CA GLY A 797 -23.45 -14.92 -29.77
C GLY A 797 -23.14 -16.38 -29.48
N PRO A 798 -23.24 -17.20 -30.53
CA PRO A 798 -22.99 -18.64 -30.41
C PRO A 798 -21.65 -19.03 -29.83
N VAL A 799 -21.68 -20.03 -28.96
CA VAL A 799 -20.47 -20.68 -28.44
C VAL A 799 -20.13 -21.80 -29.43
N THR A 800 -19.00 -21.66 -30.12
CA THR A 800 -18.63 -22.58 -31.18
C THR A 800 -17.48 -23.47 -30.72
N HIS A 801 -17.42 -24.69 -31.26
CA HIS A 801 -16.31 -25.58 -30.99
C HIS A 801 -15.89 -26.29 -32.27
N GLU A 802 -14.72 -26.91 -32.20
CA GLU A 802 -14.16 -27.78 -33.23
C GLU A 802 -13.54 -28.98 -32.54
N ILE A 803 -13.45 -30.10 -33.25
CA ILE A 803 -12.77 -31.28 -32.72
C ILE A 803 -11.83 -31.78 -33.81
N PHE A 804 -10.59 -32.03 -33.41
CA PHE A 804 -9.49 -32.45 -34.26
C PHE A 804 -9.32 -33.97 -34.28
N GLU A 805 -8.43 -34.42 -35.18
CA GLU A 805 -8.12 -35.83 -35.39
C GLU A 805 -7.58 -36.52 -34.13
N ASN A 806 -7.08 -35.74 -33.16
CA ASN A 806 -6.55 -36.24 -31.90
C ASN A 806 -7.51 -36.00 -30.74
N ASN A 807 -8.80 -35.78 -31.07
CA ASN A 807 -9.90 -35.51 -30.14
C ASN A 807 -9.65 -34.34 -29.20
N VAL A 808 -8.91 -33.34 -29.64
CA VAL A 808 -8.76 -32.10 -28.88
C VAL A 808 -9.93 -31.20 -29.27
N VAL A 809 -10.53 -30.51 -28.30
CA VAL A 809 -11.69 -29.67 -28.56
C VAL A 809 -11.25 -28.21 -28.51
N HIS A 810 -11.18 -27.57 -29.67
CA HIS A 810 -10.84 -26.14 -29.74
C HIS A 810 -12.12 -25.32 -29.65
N LEU A 811 -12.33 -24.69 -28.49
CA LEU A 811 -13.48 -23.81 -28.30
C LEU A 811 -13.19 -22.39 -28.74
N MET A 812 -14.25 -21.72 -29.22
CA MET A 812 -14.17 -20.37 -29.74
C MET A 812 -15.45 -19.64 -29.39
N TRP A 813 -15.33 -18.47 -28.79
CA TRP A 813 -16.48 -17.65 -28.45
C TRP A 813 -16.05 -16.20 -28.58
N GLN A 814 -17.00 -15.35 -28.94
CA GLN A 814 -16.68 -13.94 -29.14
C GLN A 814 -16.59 -13.23 -27.80
N GLU A 815 -15.49 -12.52 -27.59
CA GLU A 815 -15.32 -11.77 -26.37
C GLU A 815 -16.27 -10.58 -26.33
N PRO A 816 -16.76 -10.22 -25.15
CA PRO A 816 -17.65 -9.05 -25.02
C PRO A 816 -16.94 -7.75 -25.39
N LYS A 817 -17.18 -7.33 -26.64
CA LYS A 817 -16.65 -6.20 -27.39
C LYS A 817 -16.40 -4.89 -26.63
N GLU A 818 -17.34 -4.49 -25.75
CA GLU A 818 -17.23 -3.27 -24.94
C GLU A 818 -17.53 -3.57 -23.47
N PRO A 819 -16.48 -3.82 -22.67
CA PRO A 819 -16.70 -4.24 -21.28
C PRO A 819 -16.44 -3.15 -20.25
N ASN A 820 -16.60 -3.50 -18.98
CA ASN A 820 -16.37 -2.62 -17.84
C ASN A 820 -14.88 -2.51 -17.53
N GLY A 821 -14.22 -1.55 -18.18
CA GLY A 821 -12.80 -1.35 -17.99
C GLY A 821 -12.02 -2.17 -18.98
N LEU A 822 -11.99 -3.49 -18.75
CA LEU A 822 -11.34 -4.51 -19.55
C LEU A 822 -11.64 -5.83 -18.86
N ILE A 823 -11.49 -6.91 -19.60
CA ILE A 823 -11.72 -8.26 -19.10
C ILE A 823 -10.37 -8.86 -18.75
N VAL A 824 -10.21 -9.23 -17.48
CA VAL A 824 -8.91 -9.69 -17.01
C VAL A 824 -8.67 -11.18 -17.21
N LEU A 825 -9.72 -11.98 -17.38
CA LEU A 825 -9.62 -13.42 -17.59
C LEU A 825 -11.01 -13.98 -17.88
N TYR A 826 -11.04 -15.26 -18.18
CA TYR A 826 -12.24 -16.04 -18.42
C TYR A 826 -12.11 -17.33 -17.64
N GLU A 827 -13.25 -17.91 -17.31
CA GLU A 827 -13.30 -19.20 -16.65
C GLU A 827 -14.03 -20.22 -17.52
N VAL A 828 -13.35 -21.32 -17.82
CA VAL A 828 -13.90 -22.39 -18.61
C VAL A 828 -14.35 -23.45 -17.62
N SER A 829 -15.65 -23.72 -17.63
CA SER A 829 -16.29 -24.71 -16.77
C SER A 829 -16.98 -25.81 -17.57
N TYR A 830 -16.22 -26.85 -17.91
CA TYR A 830 -16.76 -27.99 -18.63
C TYR A 830 -17.30 -28.94 -17.58
N ARG A 831 -18.27 -29.78 -17.97
CA ARG A 831 -18.83 -30.67 -16.98
C ARG A 831 -19.49 -31.89 -17.61
N ARG A 832 -19.10 -33.06 -17.13
CA ARG A 832 -19.70 -34.33 -17.55
C ARG A 832 -20.88 -34.58 -16.63
N TYR A 833 -22.07 -34.81 -17.23
CA TYR A 833 -23.35 -35.00 -16.55
C TYR A 833 -23.23 -35.90 -15.33
N GLY A 834 -23.57 -35.37 -14.16
CA GLY A 834 -23.49 -36.19 -12.96
C GLY A 834 -22.30 -35.89 -12.06
N ASP A 835 -21.16 -35.53 -12.66
CA ASP A 835 -19.96 -35.19 -11.91
C ASP A 835 -20.09 -33.85 -11.17
N GLU A 836 -18.97 -33.41 -10.57
CA GLU A 836 -18.93 -32.10 -9.95
C GLU A 836 -18.36 -31.08 -10.95
N GLU A 837 -18.51 -29.79 -10.64
CA GLU A 837 -18.03 -28.74 -11.52
C GLU A 837 -16.51 -28.67 -11.57
N LEU A 838 -15.97 -28.41 -12.76
CA LEU A 838 -14.56 -28.18 -13.00
C LEU A 838 -14.36 -26.77 -13.54
N HIS A 839 -13.16 -26.24 -13.39
CA HIS A 839 -12.86 -24.86 -13.79
C HIS A 839 -11.53 -24.83 -14.54
N LEU A 840 -11.22 -23.63 -15.03
CA LEU A 840 -9.97 -23.29 -15.71
C LEU A 840 -9.91 -21.78 -15.90
N CYS A 841 -8.85 -21.15 -15.38
CA CYS A 841 -8.63 -19.73 -15.63
C CYS A 841 -7.82 -19.58 -16.89
N VAL A 842 -8.42 -18.91 -17.86
CA VAL A 842 -7.84 -18.60 -19.15
C VAL A 842 -7.54 -17.11 -19.09
N SER A 843 -6.26 -16.78 -19.13
CA SER A 843 -5.85 -15.39 -19.05
C SER A 843 -5.89 -14.74 -20.44
N ARG A 844 -5.84 -13.41 -20.43
CA ARG A 844 -5.85 -12.56 -21.61
C ARG A 844 -4.90 -13.04 -22.71
N LYS A 845 -3.58 -13.06 -22.44
CA LYS A 845 -2.60 -13.52 -23.42
C LYS A 845 -2.91 -14.90 -23.99
N HIS A 846 -3.38 -15.82 -23.14
CA HIS A 846 -3.76 -17.17 -23.55
C HIS A 846 -4.96 -17.13 -24.50
N PHE A 847 -6.06 -16.52 -24.03
CA PHE A 847 -7.29 -16.38 -24.80
C PHE A 847 -7.04 -15.71 -26.14
N ALA A 848 -6.34 -14.57 -26.12
CA ALA A 848 -6.09 -13.82 -27.34
C ALA A 848 -5.17 -14.58 -28.27
N LEU A 849 -4.29 -15.43 -27.73
CA LEU A 849 -3.38 -16.18 -28.58
C LEU A 849 -4.12 -17.32 -29.28
N GLU A 850 -4.66 -18.27 -28.49
CA GLU A 850 -5.39 -19.39 -29.06
C GLU A 850 -6.67 -18.99 -29.78
N ARG A 851 -7.24 -17.81 -29.49
CA ARG A 851 -8.54 -17.37 -30.02
C ARG A 851 -9.63 -18.31 -29.51
N GLY A 852 -9.92 -18.10 -28.22
CA GLY A 852 -10.72 -18.95 -27.36
C GLY A 852 -9.92 -19.99 -26.61
N CYS A 853 -10.49 -21.16 -26.36
CA CYS A 853 -9.85 -22.17 -25.52
C CYS A 853 -9.46 -23.40 -26.33
N ARG A 854 -8.78 -24.33 -25.66
CA ARG A 854 -8.36 -25.59 -26.28
C ARG A 854 -8.23 -26.64 -25.19
N LEU A 855 -9.14 -27.62 -25.21
CA LEU A 855 -9.20 -28.73 -24.27
C LEU A 855 -8.53 -29.97 -24.85
N ARG A 856 -7.38 -30.37 -24.31
CA ARG A 856 -6.58 -31.46 -24.84
C ARG A 856 -6.84 -32.79 -24.14
N GLY A 857 -7.22 -33.80 -24.92
CA GLY A 857 -7.38 -35.19 -24.53
C GLY A 857 -8.41 -35.60 -23.49
N LEU A 858 -9.68 -35.34 -23.75
CA LEU A 858 -10.77 -35.72 -22.86
C LEU A 858 -11.41 -37.04 -23.29
N SER A 859 -11.76 -37.86 -22.29
CA SER A 859 -12.45 -39.12 -22.52
C SER A 859 -13.82 -38.89 -23.15
N PRO A 860 -14.33 -39.86 -23.94
CA PRO A 860 -15.60 -39.66 -24.68
C PRO A 860 -16.80 -39.38 -23.78
N GLY A 861 -17.86 -38.85 -24.39
CA GLY A 861 -19.08 -38.57 -23.65
C GLY A 861 -19.64 -37.20 -23.96
N ASN A 862 -20.81 -36.93 -23.39
CA ASN A 862 -21.50 -35.67 -23.55
C ASN A 862 -21.14 -34.75 -22.39
N TYR A 863 -20.53 -33.61 -22.71
CA TYR A 863 -20.06 -32.65 -21.73
C TYR A 863 -20.88 -31.36 -21.80
N SER A 864 -21.14 -30.78 -20.62
CA SER A 864 -21.92 -29.57 -20.43
C SER A 864 -20.96 -28.42 -20.18
N VAL A 865 -21.22 -27.26 -20.79
CA VAL A 865 -20.35 -26.11 -20.65
C VAL A 865 -21.14 -24.89 -20.18
N ARG A 866 -20.52 -24.14 -19.26
CA ARG A 866 -20.91 -22.82 -18.77
C ARG A 866 -19.68 -21.95 -18.90
N ILE A 867 -19.83 -20.69 -19.30
CA ILE A 867 -18.70 -19.76 -19.42
C ILE A 867 -18.97 -18.49 -18.61
N ARG A 868 -17.95 -17.95 -17.93
CA ARG A 868 -18.16 -16.76 -17.09
C ARG A 868 -16.96 -15.83 -17.27
N ALA A 869 -17.20 -14.71 -17.93
CA ALA A 869 -16.21 -13.65 -18.11
C ALA A 869 -15.90 -12.94 -16.80
N THR A 870 -14.62 -12.74 -16.49
CA THR A 870 -14.23 -12.01 -15.29
C THR A 870 -13.54 -10.73 -15.70
N SER A 871 -14.15 -9.59 -15.39
CA SER A 871 -13.59 -8.30 -15.72
C SER A 871 -13.02 -7.64 -14.46
N LEU A 872 -12.47 -6.44 -14.65
CA LEU A 872 -12.03 -5.60 -13.55
C LEU A 872 -13.15 -5.29 -12.55
N ALA A 873 -14.39 -5.24 -13.03
CA ALA A 873 -15.55 -4.92 -12.21
C ALA A 873 -16.14 -6.14 -11.51
N GLY A 874 -16.24 -7.27 -12.18
CA GLY A 874 -16.89 -8.41 -11.57
C GLY A 874 -17.01 -9.63 -12.44
N ASN A 875 -18.19 -10.24 -12.44
CA ASN A 875 -18.42 -11.51 -13.13
C ASN A 875 -19.63 -11.40 -14.06
N GLY A 876 -19.33 -11.39 -15.37
CA GLY A 876 -20.36 -11.33 -16.38
C GLY A 876 -21.09 -12.66 -16.40
N SER A 877 -22.42 -12.63 -16.15
CA SER A 877 -23.38 -13.74 -16.10
C SER A 877 -23.03 -14.98 -16.90
N TRP A 878 -23.14 -16.12 -16.23
CA TRP A 878 -22.89 -17.43 -16.82
C TRP A 878 -23.70 -17.73 -18.06
N THR A 879 -23.00 -18.16 -19.11
CA THR A 879 -23.61 -18.53 -20.38
C THR A 879 -24.44 -19.79 -20.15
N GLU A 880 -25.65 -19.84 -20.74
CA GLU A 880 -26.54 -21.02 -20.62
C GLU A 880 -25.82 -22.30 -21.00
N PRO A 881 -26.15 -23.44 -20.36
CA PRO A 881 -25.42 -24.69 -20.61
C PRO A 881 -25.47 -25.17 -22.06
N THR A 882 -24.31 -25.40 -22.64
CA THR A 882 -24.27 -26.00 -23.97
C THR A 882 -23.85 -27.45 -23.77
N TYR A 883 -24.03 -28.28 -24.79
CA TYR A 883 -23.58 -29.66 -24.73
C TYR A 883 -22.80 -30.02 -25.99
N PHE A 884 -21.82 -30.89 -25.82
CA PHE A 884 -21.06 -31.40 -26.95
C PHE A 884 -20.71 -32.85 -26.62
N TYR A 885 -20.81 -33.73 -27.61
CA TYR A 885 -20.52 -35.14 -27.37
C TYR A 885 -19.29 -35.54 -28.16
N VAL A 886 -18.23 -35.90 -27.45
CA VAL A 886 -17.02 -36.42 -28.08
C VAL A 886 -17.18 -37.93 -28.28
N THR A 887 -17.15 -38.32 -29.57
CA THR A 887 -17.34 -39.69 -30.06
C THR A 887 -16.45 -40.70 -29.34
N ASP A 888 -16.95 -41.91 -29.18
CA ASP A 888 -16.22 -42.97 -28.50
C ASP A 888 -15.42 -43.78 -29.52
N PRO B 4 30.02 16.63 -3.02
CA PRO B 4 30.97 17.38 -3.84
C PRO B 4 30.48 18.78 -4.22
N GLY B 5 29.22 18.91 -4.64
CA GLY B 5 28.66 20.18 -5.02
C GLY B 5 28.45 21.12 -3.85
N GLU B 6 27.91 22.28 -4.17
CA GLU B 6 27.68 23.33 -3.18
C GLU B 6 26.55 22.97 -2.23
N VAL B 7 26.52 23.66 -1.11
CA VAL B 7 25.42 23.61 -0.16
C VAL B 7 24.60 24.88 -0.34
N CYS B 8 23.33 24.71 -0.64
CA CYS B 8 22.45 25.83 -0.87
C CYS B 8 21.38 25.95 0.22
N PRO B 9 20.84 27.14 0.47
CA PRO B 9 19.77 27.28 1.46
C PRO B 9 18.42 26.80 0.95
N GLY B 10 17.49 26.68 1.90
CA GLY B 10 16.12 26.29 1.61
C GLY B 10 15.41 27.19 0.62
N MET B 11 14.45 26.60 -0.10
CA MET B 11 13.64 27.31 -1.07
C MET B 11 12.17 26.91 -0.98
N ASP B 12 11.32 27.89 -1.28
CA ASP B 12 9.87 27.76 -1.42
C ASP B 12 9.63 28.20 -2.86
N ILE B 13 9.45 27.25 -3.75
CA ILE B 13 9.31 27.50 -5.18
C ILE B 13 7.86 27.39 -5.63
N ARG B 14 7.33 28.50 -6.15
CA ARG B 14 5.95 28.63 -6.55
C ARG B 14 5.85 29.15 -7.97
N ASN B 15 4.66 28.94 -8.54
CA ASN B 15 4.12 29.45 -9.79
C ASN B 15 4.83 28.87 -11.02
N ASN B 16 6.13 29.12 -11.16
CA ASN B 16 6.87 28.57 -12.28
C ASN B 16 8.21 27.95 -11.89
N LEU B 17 8.77 27.22 -12.85
CA LEU B 17 10.02 26.48 -12.68
C LEU B 17 11.29 27.31 -12.79
N THR B 18 11.19 28.59 -13.14
CA THR B 18 12.35 29.47 -13.31
C THR B 18 13.37 29.40 -12.17
N ARG B 19 12.91 29.68 -10.94
CA ARG B 19 13.81 29.72 -9.80
C ARG B 19 14.37 28.35 -9.44
N LEU B 20 13.77 27.27 -9.96
CA LEU B 20 14.23 25.92 -9.69
C LEU B 20 15.65 25.73 -10.24
N HIS B 21 15.99 26.48 -11.31
CA HIS B 21 17.33 26.33 -11.87
C HIS B 21 18.42 26.90 -10.97
N GLU B 22 18.04 27.59 -9.88
CA GLU B 22 19.03 28.00 -8.88
C GLU B 22 19.61 26.81 -8.14
N LEU B 23 18.95 25.65 -8.19
CA LEU B 23 19.42 24.43 -7.55
C LEU B 23 20.45 23.65 -8.35
N GLU B 24 20.79 24.11 -9.56
CA GLU B 24 21.70 23.48 -10.52
C GLU B 24 22.90 22.74 -9.95
N ASN B 25 23.67 23.38 -9.07
CA ASN B 25 24.90 22.79 -8.56
C ASN B 25 24.82 22.33 -7.11
N CYS B 26 23.64 22.38 -6.50
CA CYS B 26 23.50 22.00 -5.10
C CYS B 26 23.58 20.49 -4.93
N SER B 27 24.42 20.04 -4.01
CA SER B 27 24.51 18.65 -3.60
C SER B 27 23.75 18.39 -2.31
N VAL B 28 23.67 19.40 -1.45
CA VAL B 28 22.98 19.33 -0.17
C VAL B 28 22.13 20.59 -0.07
N ILE B 29 20.87 20.43 0.34
CA ILE B 29 20.01 21.56 0.65
C ILE B 29 20.00 21.73 2.16
N GLU B 30 20.54 22.85 2.62
CA GLU B 30 20.61 23.14 4.04
C GLU B 30 19.37 23.95 4.37
N GLY B 31 18.31 23.23 4.62
CA GLY B 31 17.00 23.78 4.81
C GLY B 31 15.99 22.81 4.27
N HIS B 32 14.83 23.34 3.94
CA HIS B 32 13.76 22.54 3.37
C HIS B 32 13.59 22.83 1.89
N LEU B 33 12.80 22.00 1.23
CA LEU B 33 12.44 22.22 -0.17
C LEU B 33 10.95 22.09 -0.25
N GLN B 34 10.29 23.18 -0.60
CA GLN B 34 8.86 23.18 -0.82
C GLN B 34 8.62 23.53 -2.28
N ILE B 35 7.81 22.73 -2.96
CA ILE B 35 7.41 22.99 -4.33
C ILE B 35 5.90 23.00 -4.39
N LEU B 36 5.32 24.14 -4.77
CA LEU B 36 3.87 24.23 -4.68
C LEU B 36 3.29 25.20 -5.70
N LEU B 37 1.99 25.02 -5.93
CA LEU B 37 1.12 25.91 -6.70
C LEU B 37 1.65 26.23 -8.10
N MET B 38 1.83 25.18 -8.91
CA MET B 38 2.22 25.36 -10.30
C MET B 38 1.15 24.83 -11.23
N PHE B 39 0.26 25.72 -11.66
CA PHE B 39 -0.89 25.35 -12.47
C PHE B 39 -0.61 25.41 -13.96
N LYS B 40 0.44 26.11 -14.38
CA LYS B 40 0.74 26.30 -15.79
C LYS B 40 1.86 25.39 -16.27
N THR B 41 2.54 24.69 -15.37
CA THR B 41 3.57 23.73 -15.73
C THR B 41 2.96 22.58 -16.52
N ARG B 42 3.76 22.01 -17.41
CA ARG B 42 3.29 20.94 -18.28
C ARG B 42 4.35 19.84 -18.23
N PRO B 43 4.00 18.59 -18.64
CA PRO B 43 5.02 17.50 -18.64
C PRO B 43 6.31 17.80 -19.37
N GLU B 44 6.19 18.49 -20.52
CA GLU B 44 7.32 18.92 -21.34
C GLU B 44 8.37 19.67 -20.52
N ASP B 45 7.90 20.51 -19.58
CA ASP B 45 8.77 21.29 -18.73
C ASP B 45 9.61 20.43 -17.80
N PHE B 46 9.15 19.21 -17.48
CA PHE B 46 9.90 18.37 -16.57
C PHE B 46 10.69 17.29 -17.29
N ARG B 47 10.31 16.95 -18.53
CA ARG B 47 11.01 15.92 -19.31
C ARG B 47 12.51 16.16 -19.41
N ASP B 48 12.93 17.43 -19.54
CA ASP B 48 14.34 17.77 -19.65
C ASP B 48 14.80 18.57 -18.44
N LEU B 49 14.35 18.17 -17.26
CA LEU B 49 14.64 18.87 -16.01
C LEU B 49 15.16 17.84 -15.03
N SER B 50 16.40 17.98 -14.58
CA SER B 50 17.01 16.96 -13.74
C SER B 50 18.02 17.55 -12.77
N PHE B 51 18.04 17.03 -11.55
CA PHE B 51 19.02 17.43 -10.54
C PHE B 51 19.77 16.24 -9.97
N PRO B 52 20.64 15.60 -10.76
CA PRO B 52 21.27 14.36 -10.29
C PRO B 52 22.31 14.59 -9.20
N LYS B 53 22.76 15.83 -9.04
CA LYS B 53 23.74 16.17 -8.00
C LYS B 53 23.15 16.17 -6.60
N LEU B 54 21.84 16.39 -6.48
CA LEU B 54 21.20 16.48 -5.17
C LEU B 54 21.19 15.13 -4.47
N ILE B 55 21.88 15.05 -3.33
CA ILE B 55 22.01 13.81 -2.57
C ILE B 55 21.23 13.85 -1.27
N MET B 56 21.17 15.00 -0.60
CA MET B 56 20.60 15.01 0.73
C MET B 56 19.93 16.35 1.02
N ILE B 57 18.84 16.29 1.78
CA ILE B 57 18.09 17.46 2.25
C ILE B 57 18.03 17.38 3.77
N THR B 58 18.45 18.45 4.45
CA THR B 58 18.50 18.39 5.90
C THR B 58 17.13 18.50 6.57
N ASP B 59 16.17 19.20 5.97
CA ASP B 59 14.89 19.31 6.66
C ASP B 59 13.82 18.40 6.06
N TYR B 60 12.92 18.95 5.25
CA TYR B 60 11.87 18.11 4.70
C TYR B 60 11.68 18.42 3.22
N LEU B 61 11.00 17.50 2.54
CA LEU B 61 10.66 17.64 1.13
C LEU B 61 9.14 17.65 1.01
N LEU B 62 8.60 18.70 0.40
CA LEU B 62 7.16 18.81 0.24
C LEU B 62 6.83 19.10 -1.21
N LEU B 63 5.85 18.36 -1.74
CA LEU B 63 5.37 18.53 -3.10
C LEU B 63 3.86 18.67 -2.99
N PHE B 64 3.35 19.78 -3.48
CA PHE B 64 1.94 20.08 -3.37
C PHE B 64 1.41 20.73 -4.64
N ARG B 65 0.35 20.16 -5.23
CA ARG B 65 -0.34 20.68 -6.42
C ARG B 65 0.60 21.05 -7.57
N VAL B 66 1.40 20.08 -8.02
CA VAL B 66 2.30 20.26 -9.16
C VAL B 66 1.76 19.50 -10.36
N TYR B 67 1.23 20.24 -11.34
CA TYR B 67 0.64 19.66 -12.53
C TYR B 67 1.69 19.19 -13.54
N GLY B 68 1.39 18.10 -14.24
CA GLY B 68 2.27 17.57 -15.26
C GLY B 68 3.41 16.70 -14.83
N LEU B 69 3.72 16.64 -13.55
CA LEU B 69 4.85 15.84 -13.08
C LEU B 69 4.37 14.43 -12.80
N GLU B 70 4.93 13.45 -13.52
CA GLU B 70 4.45 12.08 -13.42
C GLU B 70 5.36 11.18 -12.59
N SER B 71 6.61 11.59 -12.35
CA SER B 71 7.53 10.76 -11.58
C SER B 71 8.68 11.65 -11.11
N LEU B 72 9.36 11.17 -10.07
CA LEU B 72 10.52 11.88 -9.56
C LEU B 72 11.80 11.15 -9.92
N LYS B 73 11.69 10.03 -10.65
CA LYS B 73 12.85 9.20 -10.98
C LYS B 73 13.90 9.96 -11.79
N ASP B 74 13.47 10.95 -12.56
CA ASP B 74 14.37 11.77 -13.36
C ASP B 74 14.74 13.08 -12.69
N LEU B 75 13.86 13.63 -11.86
CA LEU B 75 14.16 14.85 -11.12
C LEU B 75 15.25 14.61 -10.09
N PHE B 76 15.05 13.64 -9.20
CA PHE B 76 15.96 13.38 -8.08
C PHE B 76 16.44 11.94 -8.06
N PRO B 77 17.23 11.51 -9.06
CA PRO B 77 17.63 10.10 -9.14
C PRO B 77 18.54 9.65 -8.00
N ASN B 78 19.30 10.56 -7.40
CA ASN B 78 20.28 10.20 -6.39
C ASN B 78 19.95 10.65 -4.98
N LEU B 79 18.78 11.26 -4.74
CA LEU B 79 18.40 11.65 -3.38
C LEU B 79 18.31 10.43 -2.46
N THR B 80 19.18 10.40 -1.46
CA THR B 80 19.38 9.23 -0.61
C THR B 80 18.89 9.36 0.82
N VAL B 81 19.07 10.51 1.47
CA VAL B 81 18.73 10.69 2.88
C VAL B 81 17.97 11.99 3.09
N ILE B 82 16.94 11.96 3.92
CA ILE B 82 16.24 13.13 4.42
C ILE B 82 16.40 13.12 5.94
N ARG B 83 17.15 14.09 6.49
CA ARG B 83 17.48 14.10 7.90
C ARG B 83 16.34 14.53 8.81
N GLY B 84 15.43 15.36 8.33
CA GLY B 84 14.32 15.78 9.16
C GLY B 84 14.67 16.69 10.33
N SER B 85 15.67 17.56 10.15
CA SER B 85 16.07 18.52 11.18
C SER B 85 14.92 19.45 11.53
N ARG B 86 14.16 19.86 10.52
CA ARG B 86 12.91 20.58 10.69
C ARG B 86 11.85 19.73 10.02
N LEU B 87 10.65 19.71 10.58
CA LEU B 87 9.65 18.83 10.02
C LEU B 87 8.41 19.61 9.65
N PHE B 88 7.56 18.98 8.86
CA PHE B 88 6.27 19.52 8.50
C PHE B 88 5.22 18.74 9.28
N PHE B 89 4.77 19.33 10.39
CA PHE B 89 3.81 18.73 11.33
C PHE B 89 4.20 17.34 11.83
N ASN B 90 5.53 17.07 11.95
CA ASN B 90 6.26 15.84 12.36
C ASN B 90 6.65 15.02 11.10
N TYR B 91 6.32 15.47 9.90
CA TYR B 91 6.68 14.73 8.70
C TYR B 91 7.85 15.37 7.96
N ALA B 92 8.75 14.50 7.48
CA ALA B 92 9.91 14.85 6.69
C ALA B 92 9.70 14.72 5.19
N LEU B 93 8.66 14.01 4.77
CA LEU B 93 8.35 13.86 3.35
C LEU B 93 6.86 13.96 3.19
N VAL B 94 6.41 14.90 2.37
CA VAL B 94 5.01 15.14 2.11
C VAL B 94 4.78 15.20 0.61
N ILE B 95 3.97 14.31 0.10
CA ILE B 95 3.61 14.24 -1.30
C ILE B 95 2.09 14.30 -1.29
N PHE B 96 1.53 15.45 -1.63
CA PHE B 96 0.12 15.66 -1.40
C PHE B 96 -0.52 16.33 -2.62
N GLU B 97 -1.63 15.73 -3.07
CA GLU B 97 -2.41 16.17 -4.23
C GLU B 97 -1.54 16.38 -5.47
N MET B 98 -0.68 15.40 -5.74
CA MET B 98 0.15 15.42 -6.95
C MET B 98 -0.59 14.67 -8.04
N VAL B 99 -1.48 15.41 -8.70
CA VAL B 99 -2.30 14.92 -9.81
C VAL B 99 -1.42 14.77 -11.03
N HIS B 100 -1.37 13.53 -11.58
CA HIS B 100 -0.61 12.95 -12.72
C HIS B 100 0.59 12.14 -12.29
N LEU B 101 1.00 12.23 -11.02
CA LEU B 101 2.18 11.48 -10.59
C LEU B 101 1.82 10.01 -10.51
N LYS B 102 2.55 9.19 -11.26
CA LYS B 102 2.31 7.75 -11.39
C LYS B 102 3.20 6.88 -10.51
N GLU B 103 4.39 7.36 -10.16
CA GLU B 103 5.29 6.58 -9.33
C GLU B 103 6.22 7.54 -8.60
N LEU B 104 6.82 7.04 -7.52
CA LEU B 104 7.81 7.84 -6.81
C LEU B 104 9.15 7.82 -7.53
N GLY B 105 9.71 6.63 -7.71
CA GLY B 105 10.99 6.49 -8.38
C GLY B 105 12.17 7.02 -7.61
N LEU B 106 12.08 7.08 -6.29
CA LEU B 106 13.22 7.51 -5.48
C LEU B 106 14.09 6.30 -5.15
N TYR B 107 14.64 5.68 -6.20
CA TYR B 107 15.33 4.41 -6.09
C TYR B 107 16.61 4.48 -5.27
N ASN B 108 17.12 5.65 -4.92
CA ASN B 108 18.27 5.75 -4.04
C ASN B 108 17.92 6.16 -2.62
N LEU B 109 16.64 6.40 -2.31
CA LEU B 109 16.26 6.81 -0.97
C LEU B 109 16.36 5.63 0.00
N MET B 110 17.36 5.64 0.87
CA MET B 110 17.61 4.50 1.75
C MET B 110 17.16 4.71 3.18
N ASN B 111 17.23 5.94 3.70
CA ASN B 111 16.93 6.14 5.11
C ASN B 111 16.33 7.53 5.29
N ILE B 112 15.30 7.59 6.12
CA ILE B 112 14.71 8.82 6.62
C ILE B 112 14.96 8.80 8.12
N THR B 113 15.90 9.63 8.58
CA THR B 113 16.44 9.51 9.93
C THR B 113 15.45 9.93 11.01
N ARG B 114 14.55 10.87 10.72
CA ARG B 114 13.60 11.28 11.74
C ARG B 114 12.34 11.76 11.04
N GLY B 115 11.20 11.49 11.64
CA GLY B 115 9.93 11.88 11.09
C GLY B 115 9.32 10.75 10.27
N SER B 116 8.11 10.99 9.79
CA SER B 116 7.35 9.98 9.06
C SER B 116 7.07 10.46 7.65
N VAL B 117 6.33 9.62 6.91
CA VAL B 117 5.97 9.87 5.52
C VAL B 117 4.47 10.09 5.47
N ARG B 118 4.06 11.16 4.78
CA ARG B 118 2.64 11.45 4.55
C ARG B 118 2.41 11.56 3.05
N ILE B 119 1.67 10.60 2.49
CA ILE B 119 1.35 10.51 1.07
C ILE B 119 -0.16 10.39 0.95
N GLU B 120 -0.82 11.47 0.54
CA GLU B 120 -2.27 11.53 0.62
C GLU B 120 -2.85 12.21 -0.62
N LYS B 121 -3.97 11.64 -1.10
CA LYS B 121 -4.80 12.20 -2.18
C LYS B 121 -4.04 12.33 -3.51
N ASN B 122 -3.36 11.25 -3.91
CA ASN B 122 -2.63 11.22 -5.16
C ASN B 122 -3.29 10.13 -5.99
N ASN B 123 -4.27 10.54 -6.80
CA ASN B 123 -5.18 9.62 -7.49
C ASN B 123 -4.51 8.78 -8.57
N GLU B 124 -3.30 9.10 -9.01
CA GLU B 124 -2.60 8.28 -9.99
C GLU B 124 -1.38 7.55 -9.44
N LEU B 125 -1.11 7.63 -8.15
CA LEU B 125 0.17 7.17 -7.63
C LEU B 125 0.18 5.66 -7.41
N CYS B 126 1.09 4.98 -8.09
CA CYS B 126 1.30 3.55 -7.95
C CYS B 126 2.75 3.30 -7.52
N TYR B 127 3.12 2.01 -7.50
CA TYR B 127 4.44 1.55 -7.06
C TYR B 127 4.69 1.96 -5.61
N LEU B 128 3.65 1.81 -4.79
CA LEU B 128 3.67 2.07 -3.35
C LEU B 128 3.69 0.81 -2.53
N ALA B 129 2.86 -0.18 -2.89
CA ALA B 129 2.83 -1.46 -2.19
C ALA B 129 4.16 -2.22 -2.33
N THR B 130 4.94 -1.92 -3.36
CA THR B 130 6.20 -2.61 -3.58
C THR B 130 7.32 -2.02 -2.73
N ILE B 131 7.09 -0.91 -2.04
CA ILE B 131 8.09 -0.31 -1.18
C ILE B 131 7.82 -0.81 0.23
N ASP B 132 8.86 -1.33 0.88
CA ASP B 132 8.79 -1.74 2.28
C ASP B 132 9.39 -0.59 3.08
N TRP B 133 8.51 0.25 3.63
CA TRP B 133 8.94 1.41 4.40
C TRP B 133 9.62 1.06 5.71
N SER B 134 9.39 -0.15 6.25
CA SER B 134 10.05 -0.55 7.50
C SER B 134 11.56 -0.68 7.36
N ARG B 135 12.09 -0.78 6.15
CA ARG B 135 13.51 -0.82 5.88
C ARG B 135 14.13 0.56 5.78
N ILE B 136 13.28 1.59 5.68
CA ILE B 136 13.71 2.95 5.44
C ILE B 136 13.54 3.82 6.68
N LEU B 137 12.48 3.60 7.45
CA LEU B 137 12.21 4.37 8.65
C LEU B 137 12.16 3.45 9.86
N ASP B 138 12.69 3.95 10.98
CA ASP B 138 12.61 3.23 12.25
C ASP B 138 11.18 3.04 12.74
N SER B 139 10.30 4.02 12.53
CA SER B 139 8.91 3.89 12.95
C SER B 139 7.97 4.22 11.81
N VAL B 140 7.18 3.22 11.41
CA VAL B 140 6.21 3.38 10.34
C VAL B 140 4.81 3.59 10.91
N GLU B 141 4.67 3.51 12.24
CA GLU B 141 3.39 3.67 12.95
C GLU B 141 2.69 4.99 12.62
N ASP B 142 3.46 6.05 12.39
CA ASP B 142 2.93 7.39 12.17
C ASP B 142 2.86 7.74 10.69
N ASN B 143 3.10 6.78 9.80
CA ASN B 143 2.94 7.01 8.38
C ASN B 143 1.47 7.24 8.06
N HIS B 144 1.21 8.03 7.04
CA HIS B 144 -0.15 8.33 6.60
C HIS B 144 -0.23 8.19 5.09
N ILE B 145 -0.60 7.00 4.63
CA ILE B 145 -0.66 6.67 3.21
C ILE B 145 -2.10 6.27 2.94
N VAL B 146 -2.91 7.20 2.42
CA VAL B 146 -4.33 6.93 2.27
C VAL B 146 -4.82 7.73 1.07
N LEU B 147 -6.01 7.34 0.57
CA LEU B 147 -6.72 7.96 -0.55
C LEU B 147 -5.86 8.06 -1.79
N ASN B 148 -5.12 6.98 -2.08
CA ASN B 148 -4.33 6.92 -3.29
C ASN B 148 -4.84 5.81 -4.18
N LYS B 149 -4.37 5.83 -5.43
CA LYS B 149 -4.72 4.79 -6.40
C LYS B 149 -4.39 3.40 -5.86
N ASP B 150 -3.23 3.29 -5.20
CA ASP B 150 -2.75 2.07 -4.57
C ASP B 150 -3.79 1.40 -3.66
N ASP B 151 -4.58 2.21 -2.96
CA ASP B 151 -5.62 1.70 -2.05
C ASP B 151 -6.67 0.89 -2.80
N ASN B 152 -7.26 1.49 -3.83
CA ASN B 152 -8.29 0.84 -4.64
C ASN B 152 -7.54 0.12 -5.75
N GLU B 153 -6.92 -1.01 -5.36
CA GLU B 153 -5.99 -1.85 -6.10
C GLU B 153 -6.20 -1.98 -7.61
N GLU B 154 -5.68 -1.00 -8.34
CA GLU B 154 -5.64 -0.97 -9.78
C GLU B 154 -4.20 -0.90 -10.28
N CYS B 155 -3.24 -0.90 -9.36
CA CYS B 155 -1.83 -0.79 -9.70
C CYS B 155 -1.27 -2.17 -10.02
N GLY B 156 -0.81 -2.34 -11.25
CA GLY B 156 -0.11 -3.57 -11.60
C GLY B 156 1.37 -3.32 -11.51
N ASP B 157 1.80 -3.10 -10.27
CA ASP B 157 3.16 -2.76 -9.91
C ASP B 157 4.10 -3.92 -10.21
N ILE B 158 4.59 -3.99 -11.44
CA ILE B 158 5.42 -5.11 -11.88
C ILE B 158 6.88 -4.68 -11.89
N CYS B 159 7.67 -5.41 -11.13
CA CYS B 159 9.08 -5.12 -10.93
C CYS B 159 9.86 -5.70 -12.11
N PRO B 160 11.10 -5.18 -12.39
CA PRO B 160 11.99 -5.64 -13.47
C PRO B 160 12.11 -7.15 -13.74
N ASN B 168 14.16 -10.53 -10.68
CA ASN B 168 15.50 -10.09 -10.31
C ASN B 168 15.52 -9.31 -8.99
N CYS B 169 14.42 -8.62 -8.69
CA CYS B 169 14.33 -7.78 -7.51
C CYS B 169 14.18 -8.63 -6.26
N PRO B 170 14.69 -8.16 -5.11
CA PRO B 170 14.51 -8.92 -3.87
C PRO B 170 13.05 -8.86 -3.42
N ALA B 171 12.65 -9.90 -2.71
CA ALA B 171 11.29 -10.04 -2.23
C ALA B 171 11.29 -10.22 -0.72
N THR B 172 10.32 -9.61 -0.05
CA THR B 172 10.19 -9.70 1.40
C THR B 172 8.73 -9.92 1.75
N VAL B 173 8.50 -10.32 2.98
CA VAL B 173 7.15 -10.63 3.47
C VAL B 173 6.55 -9.36 4.06
N ILE B 174 5.24 -9.16 3.87
CA ILE B 174 4.57 -8.02 4.48
C ILE B 174 4.06 -8.51 5.83
N ASN B 175 2.87 -9.09 5.82
CA ASN B 175 2.29 -9.73 6.99
C ASN B 175 1.62 -11.01 6.48
N GLY B 176 2.43 -11.91 5.95
CA GLY B 176 1.90 -13.14 5.41
C GLY B 176 2.18 -13.25 3.93
N GLN B 177 2.01 -12.14 3.21
CA GLN B 177 2.21 -12.11 1.77
C GLN B 177 3.67 -11.82 1.45
N PHE B 178 4.27 -12.71 0.65
CA PHE B 178 5.64 -12.54 0.17
C PHE B 178 5.59 -11.83 -1.18
N VAL B 179 6.09 -10.59 -1.22
CA VAL B 179 5.98 -9.78 -2.43
C VAL B 179 7.35 -9.21 -2.81
N GLU B 180 7.55 -9.05 -4.12
CA GLU B 180 8.77 -8.50 -4.68
C GLU B 180 8.83 -6.99 -4.42
N ARG B 181 10.04 -6.47 -4.21
CA ARG B 181 10.23 -5.08 -3.82
C ARG B 181 10.97 -4.29 -4.88
N CYS B 182 10.34 -3.23 -5.38
CA CYS B 182 10.91 -2.37 -6.41
C CYS B 182 10.32 -0.97 -6.30
N TRP B 183 10.98 -0.01 -6.96
CA TRP B 183 10.55 1.38 -6.98
C TRP B 183 9.79 1.75 -8.24
N THR B 184 10.17 1.17 -9.38
CA THR B 184 9.56 1.41 -10.68
C THR B 184 9.62 0.11 -11.47
N HIS B 185 9.07 0.16 -12.68
CA HIS B 185 9.14 -0.97 -13.60
C HIS B 185 10.58 -1.29 -14.00
N SER B 186 11.46 -0.29 -13.94
CA SER B 186 12.85 -0.43 -14.33
C SER B 186 13.84 -0.36 -13.17
N HIS B 187 13.38 -0.16 -11.94
CA HIS B 187 14.30 -0.05 -10.82
C HIS B 187 13.84 -0.88 -9.62
N CYS B 188 14.71 -1.79 -9.18
CA CYS B 188 14.45 -2.59 -7.99
C CYS B 188 14.70 -1.77 -6.74
N GLN B 189 14.19 -2.25 -5.60
CA GLN B 189 14.54 -1.69 -4.31
C GLN B 189 15.77 -2.40 -3.77
N LYS B 190 16.77 -1.62 -3.36
CA LYS B 190 18.01 -2.17 -2.83
C LYS B 190 17.80 -2.69 -1.41
N VAL B 191 18.26 -3.91 -1.16
CA VAL B 191 18.19 -4.54 0.16
C VAL B 191 19.58 -5.05 0.49
N CYS B 192 20.13 -4.61 1.62
CA CYS B 192 21.45 -4.96 2.09
C CYS B 192 21.38 -6.07 3.13
N PRO B 193 22.50 -6.75 3.46
CA PRO B 193 22.48 -7.69 4.60
C PRO B 193 22.13 -6.99 5.90
N THR B 194 21.49 -7.74 6.81
CA THR B 194 21.03 -7.18 8.08
C THR B 194 22.12 -6.55 8.94
N ILE B 195 23.35 -7.07 8.92
CA ILE B 195 24.39 -6.38 9.70
C ILE B 195 24.67 -4.96 9.17
N CYS B 196 24.47 -4.75 7.86
CA CYS B 196 24.71 -3.51 7.13
C CYS B 196 23.69 -2.37 7.32
N LYS B 197 22.46 -2.64 7.82
CA LYS B 197 21.33 -1.70 7.93
C LYS B 197 21.47 -0.19 7.78
N SER B 198 22.06 0.60 8.68
CA SER B 198 22.00 1.98 8.25
C SER B 198 23.21 2.40 7.45
N HIS B 199 24.27 1.58 7.41
CA HIS B 199 25.48 2.03 6.75
C HIS B 199 25.34 2.02 5.23
N GLY B 200 24.48 1.15 4.71
CA GLY B 200 24.30 0.99 3.27
C GLY B 200 25.28 -0.07 2.79
N CYS B 201 25.22 -0.38 1.49
CA CYS B 201 26.12 -1.42 1.00
C CYS B 201 26.32 -1.21 -0.50
N THR B 202 27.37 -1.82 -1.02
CA THR B 202 27.63 -1.81 -2.45
C THR B 202 26.74 -2.85 -3.14
N ALA B 203 26.80 -2.87 -4.49
CA ALA B 203 26.04 -3.85 -5.27
C ALA B 203 26.37 -5.30 -4.94
N GLU B 204 27.63 -5.60 -4.60
CA GLU B 204 28.00 -6.97 -4.27
C GLU B 204 27.62 -7.37 -2.86
N GLY B 205 27.10 -6.43 -2.06
CA GLY B 205 26.70 -6.68 -0.70
C GLY B 205 27.72 -6.43 0.38
N LEU B 206 28.85 -5.81 0.07
CA LEU B 206 29.85 -5.55 1.10
C LEU B 206 29.42 -4.28 1.83
N CYS B 207 29.40 -4.36 3.15
CA CYS B 207 28.94 -3.24 3.97
C CYS B 207 29.80 -1.99 3.78
N CYS B 208 29.14 -0.85 3.73
CA CYS B 208 29.81 0.44 3.76
C CYS B 208 30.41 0.65 5.15
N HIS B 209 31.30 1.64 5.25
CA HIS B 209 31.89 2.00 6.54
C HIS B 209 30.82 2.45 7.53
N SER B 210 31.10 2.24 8.81
CA SER B 210 30.14 2.56 9.88
C SER B 210 29.78 4.04 9.98
N GLU B 211 30.55 4.93 9.36
CA GLU B 211 30.21 6.34 9.31
C GLU B 211 29.42 6.70 8.06
N CYS B 212 29.25 5.77 7.12
CA CYS B 212 28.43 6.03 5.95
C CYS B 212 26.95 5.92 6.30
N LEU B 213 26.11 6.53 5.47
CA LEU B 213 24.67 6.44 5.60
C LEU B 213 24.04 6.20 4.24
N GLY B 214 23.34 5.09 4.09
CA GLY B 214 22.61 4.78 2.88
C GLY B 214 23.37 4.15 1.73
N ASN B 215 24.55 4.65 1.40
CA ASN B 215 25.30 4.14 0.24
C ASN B 215 26.73 4.65 0.31
N CYS B 216 27.62 3.98 -0.42
CA CYS B 216 29.02 4.34 -0.53
C CYS B 216 29.51 3.84 -1.88
N SER B 217 30.64 4.37 -2.33
CA SER B 217 31.18 3.93 -3.61
C SER B 217 32.16 2.77 -3.44
N GLN B 218 32.79 2.66 -2.27
CA GLN B 218 33.73 1.59 -1.92
C GLN B 218 33.51 1.21 -0.47
N PRO B 219 33.56 -0.09 -0.16
CA PRO B 219 33.26 -0.54 1.20
C PRO B 219 34.37 -0.21 2.19
N ASP B 220 33.95 -0.05 3.45
CA ASP B 220 34.80 0.24 4.62
C ASP B 220 35.81 1.38 4.38
N ASP B 221 35.32 2.46 3.80
CA ASP B 221 36.19 3.60 3.54
C ASP B 221 35.36 4.85 3.86
N PRO B 222 35.73 5.61 4.91
CA PRO B 222 34.91 6.75 5.33
C PRO B 222 35.05 7.99 4.46
N THR B 223 35.79 7.95 3.37
CA THR B 223 35.90 9.07 2.45
C THR B 223 35.11 8.83 1.18
N LYS B 224 34.46 7.67 1.06
CA LYS B 224 33.75 7.26 -0.14
C LYS B 224 32.26 7.08 0.12
N CYS B 225 31.75 7.65 1.20
CA CYS B 225 30.34 7.55 1.51
C CYS B 225 29.53 8.47 0.61
N VAL B 226 28.30 8.04 0.33
CA VAL B 226 27.36 8.91 -0.36
C VAL B 226 26.79 9.92 0.63
N ALA B 227 26.51 9.50 1.86
CA ALA B 227 26.07 10.40 2.92
C ALA B 227 26.65 9.92 4.24
N CYS B 228 26.66 10.81 5.23
CA CYS B 228 27.22 10.52 6.54
C CYS B 228 26.15 10.17 7.56
N ARG B 229 26.49 9.24 8.45
CA ARG B 229 25.59 8.86 9.53
C ARG B 229 25.48 9.95 10.57
N ASN B 230 26.61 10.57 10.95
CA ASN B 230 26.59 11.57 11.98
C ASN B 230 26.83 12.93 11.33
N PHE B 231 28.07 13.37 11.19
CA PHE B 231 28.38 14.69 10.66
C PHE B 231 29.34 14.57 9.48
N TYR B 232 29.33 15.58 8.62
CA TYR B 232 30.20 15.60 7.46
C TYR B 232 31.23 16.70 7.65
N LEU B 233 32.49 16.38 7.41
CA LEU B 233 33.55 17.38 7.47
C LEU B 233 34.71 16.96 6.59
N ASP B 234 35.17 17.90 5.75
CA ASP B 234 36.37 17.79 4.90
C ASP B 234 36.43 16.47 4.11
N GLY B 235 35.34 16.15 3.44
CA GLY B 235 35.24 14.93 2.66
C GLY B 235 35.30 13.67 3.48
N ARG B 236 34.89 13.71 4.74
CA ARG B 236 34.96 12.54 5.59
C ARG B 236 33.75 12.57 6.51
N CYS B 237 33.21 11.41 6.82
CA CYS B 237 32.10 11.31 7.75
C CYS B 237 32.67 11.12 9.16
N VAL B 238 32.37 12.05 10.06
CA VAL B 238 32.91 12.02 11.41
C VAL B 238 31.78 11.91 12.43
N GLU B 239 32.12 11.27 13.56
CA GLU B 239 31.17 11.04 14.64
C GLU B 239 30.75 12.35 15.31
N THR B 240 31.72 13.22 15.62
CA THR B 240 31.43 14.54 16.16
C THR B 240 32.40 15.55 15.57
N CYS B 241 32.03 16.83 15.69
CA CYS B 241 32.94 17.91 15.34
C CYS B 241 33.95 18.11 16.46
N PRO B 242 35.23 17.89 16.22
CA PRO B 242 36.24 18.11 17.27
C PRO B 242 36.57 19.58 17.43
N PRO B 243 37.01 19.99 18.61
CA PRO B 243 37.55 21.36 18.80
C PRO B 243 38.71 21.63 17.86
N PRO B 244 38.83 22.85 17.33
CA PRO B 244 38.02 24.02 17.67
C PRO B 244 36.82 24.26 16.77
N TYR B 245 36.22 23.22 16.21
CA TYR B 245 35.06 23.42 15.36
C TYR B 245 33.78 23.24 16.15
N TYR B 246 32.70 23.75 15.57
CA TYR B 246 31.38 23.73 16.17
C TYR B 246 30.38 23.06 15.23
N HIS B 247 29.43 22.40 15.86
CA HIS B 247 28.35 21.73 15.14
C HIS B 247 27.38 22.76 14.61
N PHE B 248 27.10 22.70 13.31
CA PHE B 248 26.21 23.66 12.68
C PHE B 248 25.11 22.88 11.97
N GLN B 249 23.86 23.28 12.26
CA GLN B 249 22.63 22.70 11.72
C GLN B 249 22.57 21.18 11.87
N ASP B 250 23.23 20.67 12.91
CA ASP B 250 23.31 19.25 13.29
C ASP B 250 23.78 18.37 12.13
N TRP B 251 24.62 18.92 11.24
CA TRP B 251 25.13 18.10 10.15
C TRP B 251 26.51 18.48 9.66
N ARG B 252 26.98 19.71 9.90
CA ARG B 252 28.32 20.03 9.41
C ARG B 252 29.14 20.71 10.49
N CYS B 253 30.46 20.67 10.29
CA CYS B 253 31.40 21.27 11.23
C CYS B 253 31.85 22.60 10.65
N VAL B 254 31.82 23.65 11.46
CA VAL B 254 32.20 24.99 11.02
C VAL B 254 33.14 25.62 12.02
N ASN B 255 33.96 26.55 11.54
CA ASN B 255 34.90 27.20 12.44
C ASN B 255 34.26 28.44 13.06
N PHE B 256 34.95 28.99 14.07
CA PHE B 256 34.50 30.19 14.78
C PHE B 256 34.21 31.35 13.84
N SER B 257 35.14 31.58 12.91
CA SER B 257 35.07 32.69 11.96
C SER B 257 33.79 32.66 11.13
N PHE B 258 33.36 31.48 10.68
CA PHE B 258 32.13 31.34 9.90
C PHE B 258 30.91 31.79 10.70
N CYS B 259 30.76 31.29 11.93
CA CYS B 259 29.62 31.66 12.78
C CYS B 259 29.67 33.15 13.08
N GLN B 260 30.88 33.69 13.22
CA GLN B 260 31.05 35.11 13.50
C GLN B 260 30.66 35.97 12.30
N ASP B 261 31.03 35.53 11.09
CA ASP B 261 30.66 36.25 9.88
C ASP B 261 29.15 36.28 9.70
N LEU B 262 28.48 35.14 9.96
CA LEU B 262 27.02 35.09 9.92
C LEU B 262 26.42 36.08 10.91
N HIS B 263 26.95 36.06 12.15
CA HIS B 263 26.54 36.95 13.22
C HIS B 263 26.63 38.41 12.81
N HIS B 264 27.73 38.79 12.16
CA HIS B 264 27.89 40.19 11.77
C HIS B 264 27.10 40.54 10.51
N LYS B 265 26.87 39.59 9.60
CA LYS B 265 25.96 39.87 8.49
C LYS B 265 24.54 40.12 8.99
N CYS B 266 24.15 39.49 10.09
CA CYS B 266 22.85 39.79 10.68
C CYS B 266 22.92 41.03 11.57
N CYS B 274 16.39 37.16 10.66
CA CYS B 274 17.79 37.09 10.26
C CYS B 274 18.40 36.05 11.20
N HIS B 275 18.48 36.42 12.51
CA HIS B 275 19.06 35.71 13.66
C HIS B 275 20.55 35.98 13.74
N GLN B 276 20.99 36.59 14.84
CA GLN B 276 22.42 36.81 15.06
C GLN B 276 22.92 35.63 15.88
N TYR B 277 23.61 34.75 15.16
CA TYR B 277 24.07 33.46 15.62
C TYR B 277 24.98 33.53 16.84
N VAL B 278 24.84 32.55 17.73
CA VAL B 278 25.60 32.45 18.97
C VAL B 278 26.17 31.05 19.06
N ILE B 279 27.10 30.87 20.00
CA ILE B 279 27.74 29.58 20.26
C ILE B 279 27.33 29.05 21.64
N HIS B 280 26.86 27.82 21.67
CA HIS B 280 26.49 27.15 22.91
C HIS B 280 26.60 25.64 22.74
N ASN B 281 27.21 24.99 23.75
CA ASN B 281 27.39 23.53 23.84
C ASN B 281 28.01 22.99 22.53
N ASN B 282 29.03 23.72 22.05
CA ASN B 282 29.80 23.45 20.84
C ASN B 282 28.94 23.50 19.57
N LYS B 283 27.84 24.25 19.61
CA LYS B 283 26.95 24.41 18.48
C LYS B 283 26.81 25.89 18.12
N CYS B 284 26.69 26.17 16.83
CA CYS B 284 26.39 27.52 16.34
C CYS B 284 24.88 27.50 16.11
N ILE B 285 24.15 28.23 16.94
CA ILE B 285 22.68 28.16 16.94
C ILE B 285 22.13 29.57 16.77
N PRO B 286 20.86 29.72 16.30
CA PRO B 286 20.32 31.07 16.07
C PRO B 286 20.25 31.99 17.28
N GLU B 287 19.82 31.51 18.45
CA GLU B 287 19.67 32.36 19.62
C GLU B 287 19.97 31.52 20.85
N CYS B 288 20.34 32.21 21.92
CA CYS B 288 20.56 31.54 23.20
C CYS B 288 19.24 30.93 23.69
N PRO B 289 19.28 29.75 24.29
CA PRO B 289 18.06 29.19 24.89
C PRO B 289 17.63 29.99 26.11
N SER B 290 16.42 29.68 26.59
CA SER B 290 15.84 30.37 27.74
C SER B 290 16.73 30.29 28.98
N GLY B 291 16.93 31.44 29.61
CA GLY B 291 17.74 31.57 30.81
C GLY B 291 19.19 31.90 30.54
N TYR B 292 19.60 32.00 29.27
CA TYR B 292 20.97 32.26 28.87
C TYR B 292 20.99 33.53 28.04
N THR B 293 22.15 34.19 28.01
CA THR B 293 22.24 35.44 27.27
C THR B 293 23.57 35.46 26.53
N MET B 294 23.58 36.18 25.41
CA MET B 294 24.75 36.36 24.54
C MET B 294 25.87 37.16 25.21
N ASN B 295 26.95 36.50 25.61
CA ASN B 295 28.13 37.24 26.04
C ASN B 295 28.74 37.73 24.72
N SER B 296 28.63 39.05 24.52
CA SER B 296 28.91 39.76 23.27
C SER B 296 30.23 39.37 22.60
N SER B 297 31.35 39.58 23.29
CA SER B 297 32.70 39.32 22.79
C SER B 297 32.86 37.92 22.19
N ASN B 298 32.81 36.89 23.01
CA ASN B 298 33.07 35.54 22.54
C ASN B 298 31.85 34.80 22.00
N LEU B 299 30.69 35.46 21.84
CA LEU B 299 29.44 34.89 21.32
C LEU B 299 28.90 33.71 22.14
N LEU B 300 29.41 33.48 23.34
CA LEU B 300 29.05 32.32 24.15
C LEU B 300 27.85 32.64 25.03
N CYS B 301 26.84 31.77 25.00
CA CYS B 301 25.69 31.95 25.88
C CYS B 301 26.12 31.66 27.32
N THR B 302 25.85 32.60 28.22
CA THR B 302 26.14 32.43 29.64
C THR B 302 24.85 32.66 30.42
N PRO B 303 24.62 31.95 31.53
CA PRO B 303 23.34 32.11 32.22
C PRO B 303 23.14 33.46 32.88
N CYS B 304 21.87 33.89 32.88
CA CYS B 304 21.47 35.14 33.50
C CYS B 304 21.09 34.90 34.95
N LEU B 305 21.55 35.78 35.83
CA LEU B 305 21.24 35.67 37.26
C LEU B 305 19.88 36.30 37.46
N GLY B 306 18.86 35.45 37.61
CA GLY B 306 17.50 35.93 37.67
C GLY B 306 17.02 36.11 36.26
N PRO B 307 16.12 37.05 36.01
CA PRO B 307 15.59 37.22 34.65
C PRO B 307 16.65 37.88 33.76
N CYS B 308 16.70 37.43 32.51
CA CYS B 308 17.66 37.95 31.55
C CYS B 308 17.32 39.40 31.18
N PRO B 309 18.33 40.27 31.12
CA PRO B 309 18.08 41.66 30.68
C PRO B 309 17.76 41.76 29.20
N LYS B 310 16.87 42.69 28.88
CA LYS B 310 16.41 42.92 27.52
C LYS B 310 15.94 44.35 27.32
N PRO B 595 -16.13 7.56 37.26
CA PRO B 595 -15.29 8.29 36.29
C PRO B 595 -15.78 8.13 34.86
N SER B 596 -15.42 9.08 33.99
CA SER B 596 -15.65 9.02 32.56
C SER B 596 -15.05 7.77 31.91
N VAL B 597 -15.46 7.56 30.66
CA VAL B 597 -15.00 6.40 29.87
C VAL B 597 -13.54 6.62 29.47
N PRO B 598 -12.69 5.59 29.46
CA PRO B 598 -11.34 5.75 28.90
C PRO B 598 -11.44 6.12 27.43
N LEU B 599 -10.56 7.01 26.98
CA LEU B 599 -10.67 7.51 25.62
C LEU B 599 -9.73 6.80 24.65
N ASP B 600 -10.12 6.91 23.37
CA ASP B 600 -9.44 6.40 22.18
C ASP B 600 -8.73 5.04 22.30
N PRO B 601 -9.46 3.96 22.58
CA PRO B 601 -8.79 2.65 22.63
C PRO B 601 -8.49 2.19 21.21
N ILE B 602 -7.32 1.59 21.02
CA ILE B 602 -6.93 0.99 19.76
C ILE B 602 -6.38 -0.41 20.02
N SER B 603 -6.94 -1.37 19.32
CA SER B 603 -6.55 -2.77 19.42
C SER B 603 -5.67 -3.12 18.23
N VAL B 604 -4.45 -3.60 18.48
CA VAL B 604 -3.49 -3.89 17.42
C VAL B 604 -2.92 -5.26 17.77
N SER B 605 -2.57 -6.04 16.75
CA SER B 605 -1.96 -7.36 16.96
C SER B 605 -0.72 -7.49 16.09
N ASN B 606 0.45 -7.49 16.72
CA ASN B 606 1.70 -7.60 15.97
C ASN B 606 2.20 -9.03 15.86
N SER B 607 1.61 -9.93 16.64
CA SER B 607 2.00 -11.33 16.72
C SER B 607 0.78 -12.22 16.60
N SER B 608 1.04 -13.51 16.41
CA SER B 608 -0.01 -14.52 16.37
C SER B 608 -0.62 -14.77 17.75
N SER B 609 0.04 -14.30 18.82
CA SER B 609 -0.45 -14.50 20.18
C SER B 609 -0.52 -13.21 20.99
N GLN B 610 0.16 -12.14 20.59
CA GLN B 610 0.22 -10.91 21.37
C GLN B 610 -0.79 -9.91 20.83
N ILE B 611 -1.56 -9.30 21.73
CA ILE B 611 -2.45 -8.19 21.42
C ILE B 611 -2.01 -6.97 22.22
N ILE B 612 -1.84 -5.84 21.54
CA ILE B 612 -1.37 -4.60 22.14
C ILE B 612 -2.51 -3.59 22.08
N LEU B 613 -3.16 -3.46 23.24
CA LEU B 613 -4.26 -2.55 23.50
C LEU B 613 -3.70 -1.24 24.02
N LYS B 614 -4.14 -0.12 23.44
CA LYS B 614 -3.70 1.19 23.90
C LYS B 614 -4.90 2.08 24.14
N TRP B 615 -4.76 3.01 25.08
CA TRP B 615 -5.86 3.90 25.43
C TRP B 615 -5.37 5.17 26.11
N LYS B 616 -6.27 6.25 26.06
CA LYS B 616 -6.13 7.53 26.73
C LYS B 616 -7.00 7.57 28.00
N PRO B 617 -6.59 8.31 29.02
CA PRO B 617 -7.37 8.33 30.28
C PRO B 617 -8.69 9.07 30.15
N PRO B 618 -9.63 8.84 31.09
CA PRO B 618 -10.94 9.51 31.06
C PRO B 618 -10.83 11.03 31.08
N SER B 619 -11.69 11.68 30.28
CA SER B 619 -11.74 13.15 30.25
C SER B 619 -12.02 13.79 31.60
N ASP B 620 -12.70 13.09 32.51
CA ASP B 620 -13.02 13.65 33.83
C ASP B 620 -12.69 12.59 34.89
N PRO B 621 -11.42 12.50 35.30
CA PRO B 621 -11.06 11.50 36.31
C PRO B 621 -11.60 11.77 37.70
N ASN B 622 -11.93 13.02 38.02
CA ASN B 622 -12.46 13.50 39.31
C ASN B 622 -11.78 12.80 40.49
N GLY B 623 -10.46 12.77 40.45
CA GLY B 623 -9.69 12.06 41.45
C GLY B 623 -8.46 11.45 40.81
N ASN B 624 -7.55 10.92 41.61
CA ASN B 624 -6.34 10.28 41.09
C ASN B 624 -6.70 8.86 40.66
N ILE B 625 -6.54 8.59 39.37
CA ILE B 625 -6.80 7.28 38.79
C ILE B 625 -5.79 6.27 39.30
N THR B 626 -6.27 5.20 39.92
CA THR B 626 -5.39 4.17 40.44
C THR B 626 -4.99 3.11 39.41
N HIS B 627 -5.96 2.54 38.68
CA HIS B 627 -5.61 1.52 37.71
C HIS B 627 -6.66 1.38 36.63
N TYR B 628 -6.35 0.54 35.65
CA TYR B 628 -7.26 0.13 34.60
C TYR B 628 -7.62 -1.34 34.80
N LEU B 629 -8.69 -1.76 34.14
CA LEU B 629 -9.25 -3.10 34.27
C LEU B 629 -9.57 -3.68 32.90
N VAL B 630 -8.70 -4.55 32.39
CA VAL B 630 -8.87 -5.14 31.07
C VAL B 630 -9.49 -6.53 31.22
N PHE B 631 -10.55 -6.78 30.44
CA PHE B 631 -11.23 -8.06 30.30
C PHE B 631 -11.15 -8.50 28.85
N TRP B 632 -10.80 -9.75 28.60
CA TRP B 632 -10.88 -10.28 27.24
C TRP B 632 -11.76 -11.53 27.20
N GLU B 633 -12.36 -11.78 26.04
CA GLU B 633 -13.30 -12.89 25.89
C GLU B 633 -13.31 -13.41 24.46
N ARG B 634 -13.13 -14.72 24.33
CA ARG B 634 -13.16 -15.39 23.02
C ARG B 634 -14.54 -15.50 22.40
N GLN B 635 -14.64 -15.10 21.13
CA GLN B 635 -15.80 -15.29 20.29
C GLN B 635 -15.57 -16.64 19.63
N ALA B 636 -16.55 -17.55 19.66
CA ALA B 636 -16.30 -18.86 19.04
C ALA B 636 -16.06 -18.87 17.53
N GLU B 637 -17.12 -18.92 16.71
CA GLU B 637 -17.08 -18.90 15.22
C GLU B 637 -18.44 -18.84 14.55
N ASP B 638 -18.52 -18.09 13.46
CA ASP B 638 -19.71 -17.85 12.64
C ASP B 638 -20.45 -19.11 12.19
N SER B 639 -21.57 -19.45 12.84
CA SER B 639 -22.39 -20.65 12.60
C SER B 639 -22.56 -21.09 11.13
N GLU B 640 -22.94 -20.13 10.28
CA GLU B 640 -23.18 -20.30 8.85
C GLU B 640 -21.99 -20.87 8.08
N LEU B 641 -20.77 -20.63 8.57
CA LEU B 641 -19.57 -21.17 7.93
C LEU B 641 -19.62 -22.69 7.86
N PHE B 642 -20.25 -23.36 8.82
CA PHE B 642 -20.31 -24.80 8.67
C PHE B 642 -21.40 -25.24 7.70
N GLU B 643 -22.36 -24.36 7.38
CA GLU B 643 -23.47 -24.79 6.53
C GLU B 643 -23.57 -23.99 5.23
N LEU B 644 -22.45 -23.47 4.73
CA LEU B 644 -22.46 -22.82 3.42
C LEU B 644 -21.47 -23.50 2.50
N ASP B 645 -21.85 -23.67 1.23
CA ASP B 645 -21.00 -24.27 0.21
C ASP B 645 -20.36 -23.11 -0.56
N TYR B 646 -19.06 -22.93 -0.38
CA TYR B 646 -18.32 -21.83 -1.01
C TYR B 646 -17.83 -22.17 -2.42
N CYS B 647 -18.21 -23.32 -2.97
CA CYS B 647 -17.86 -23.63 -4.36
C CYS B 647 -18.94 -23.14 -5.32
N HIS B 737 -16.68 -14.49 35.70
CA HIS B 737 -15.28 -14.14 35.54
C HIS B 737 -14.60 -14.91 34.41
N ARG B 738 -13.96 -14.17 33.57
CA ARG B 738 -13.09 -14.13 32.41
C ARG B 738 -11.67 -13.80 32.84
N PRO B 739 -10.64 -14.21 32.08
CA PRO B 739 -9.27 -13.81 32.42
C PRO B 739 -9.15 -12.29 32.30
N PHE B 740 -8.59 -11.67 33.33
CA PHE B 740 -8.48 -10.22 33.39
C PHE B 740 -7.10 -9.77 33.82
N GLU B 741 -6.96 -8.45 33.93
CA GLU B 741 -5.71 -7.84 34.34
C GLU B 741 -5.97 -6.42 34.84
N LYS B 742 -5.31 -6.08 35.95
CA LYS B 742 -5.36 -4.73 36.51
C LYS B 742 -4.08 -4.01 36.10
N VAL B 743 -4.22 -3.06 35.19
CA VAL B 743 -3.08 -2.34 34.62
C VAL B 743 -2.77 -1.13 35.49
N VAL B 744 -1.64 -1.18 36.19
CA VAL B 744 -1.21 -0.10 37.09
C VAL B 744 -0.17 0.73 36.35
N ASN B 745 -0.24 2.06 36.53
CA ASN B 745 0.64 3.09 35.98
C ASN B 745 1.10 2.86 34.54
N LYS B 746 0.16 2.46 33.68
CA LYS B 746 0.46 2.14 32.30
C LYS B 746 -0.84 2.32 31.51
N GLU B 747 -0.71 2.64 30.23
CA GLU B 747 -1.87 2.88 29.39
C GLU B 747 -1.75 2.09 28.10
N SER B 748 -1.34 0.83 28.23
CA SER B 748 -1.17 -0.13 27.16
C SER B 748 -1.04 -1.50 27.81
N LEU B 749 -1.45 -2.53 27.10
CA LEU B 749 -1.30 -3.90 27.58
C LEU B 749 -0.99 -4.85 26.44
N VAL B 750 -0.13 -5.84 26.70
CA VAL B 750 0.13 -6.89 25.72
C VAL B 750 -0.37 -8.22 26.31
N ILE B 751 -1.47 -8.70 25.75
CA ILE B 751 -2.14 -9.94 26.13
C ILE B 751 -1.55 -11.11 25.34
N SER B 752 -0.98 -12.08 26.04
CA SER B 752 -0.31 -13.23 25.44
C SER B 752 -1.11 -14.51 25.65
N GLY B 753 -0.69 -15.56 24.92
CA GLY B 753 -1.28 -16.88 24.98
C GLY B 753 -2.70 -16.93 24.47
N LEU B 754 -2.94 -16.35 23.31
CA LEU B 754 -4.26 -16.27 22.72
C LEU B 754 -4.37 -17.07 21.43
N ARG B 755 -5.56 -17.61 21.18
CA ARG B 755 -5.80 -18.42 19.99
C ARG B 755 -5.64 -17.66 18.68
N HIS B 756 -4.99 -18.31 17.72
CA HIS B 756 -4.69 -17.78 16.40
C HIS B 756 -5.95 -17.55 15.56
N PHE B 757 -6.00 -16.40 14.88
CA PHE B 757 -7.10 -15.94 14.01
C PHE B 757 -8.47 -16.12 14.67
N THR B 758 -8.61 -15.45 15.81
CA THR B 758 -9.84 -15.52 16.59
C THR B 758 -10.25 -14.13 17.01
N GLY B 759 -11.55 -13.84 16.95
CA GLY B 759 -12.01 -12.54 17.36
C GLY B 759 -12.22 -12.52 18.86
N TYR B 760 -11.99 -11.36 19.46
CA TYR B 760 -12.09 -11.20 20.90
C TYR B 760 -12.77 -9.89 21.27
N ARG B 761 -13.64 -10.00 22.27
CA ARG B 761 -14.32 -8.88 22.89
C ARG B 761 -13.50 -8.44 24.09
N ILE B 762 -13.01 -7.20 24.06
CA ILE B 762 -12.19 -6.63 25.13
C ILE B 762 -12.98 -5.50 25.79
N GLU B 763 -13.15 -5.63 27.09
CA GLU B 763 -13.84 -4.66 27.94
C GLU B 763 -12.82 -3.95 28.83
N LEU B 764 -12.61 -2.66 28.58
CA LEU B 764 -11.68 -1.85 29.35
C LEU B 764 -12.41 -0.89 30.28
N GLN B 765 -12.02 -0.85 31.55
CA GLN B 765 -12.61 0.10 32.50
C GLN B 765 -11.51 0.83 33.25
N ALA B 766 -11.89 1.95 33.88
CA ALA B 766 -10.98 2.75 34.69
C ALA B 766 -11.43 2.85 36.14
N CYS B 767 -10.49 2.70 37.08
CA CYS B 767 -10.77 2.76 38.51
C CYS B 767 -9.85 3.81 39.10
N ASN B 768 -10.40 4.61 40.01
CA ASN B 768 -9.70 5.69 40.70
C ASN B 768 -9.70 5.53 42.21
N GLN B 769 -9.86 4.28 42.68
CA GLN B 769 -9.83 3.85 44.07
C GLN B 769 -9.99 2.33 44.06
N ASP B 770 -9.23 1.62 44.90
CA ASP B 770 -9.40 0.17 44.87
C ASP B 770 -9.66 -0.39 46.26
N THR B 771 -8.89 0.06 47.24
CA THR B 771 -8.85 -0.31 48.67
C THR B 771 -10.24 -0.57 49.32
N PRO B 772 -10.99 0.35 50.09
CA PRO B 772 -12.31 -0.10 50.59
C PRO B 772 -13.51 0.09 49.68
N GLU B 773 -13.96 -0.87 48.84
CA GLU B 773 -15.12 -0.74 47.93
C GLU B 773 -14.74 0.07 46.68
N GLU B 774 -14.57 -0.62 45.55
CA GLU B 774 -14.23 0.08 44.32
C GLU B 774 -15.42 0.65 43.55
N ARG B 775 -15.18 1.86 43.04
CA ARG B 775 -16.05 2.66 42.19
C ARG B 775 -15.34 2.81 40.84
N CYS B 776 -15.85 2.15 39.80
CA CYS B 776 -15.15 2.12 38.52
C CYS B 776 -16.09 2.57 37.40
N SER B 777 -15.44 2.90 36.29
CA SER B 777 -16.04 3.38 35.06
C SER B 777 -16.90 2.35 34.35
N VAL B 778 -17.81 2.88 33.53
CA VAL B 778 -18.60 2.10 32.60
C VAL B 778 -17.66 1.55 31.54
N ALA B 779 -17.98 0.34 31.05
CA ALA B 779 -17.11 -0.36 30.11
C ALA B 779 -16.87 0.36 28.78
N ALA B 780 -15.71 0.06 28.22
CA ALA B 780 -15.21 0.45 26.91
C ALA B 780 -15.07 -0.81 26.06
N TYR B 781 -16.00 -1.01 25.13
CA TYR B 781 -16.00 -2.20 24.30
C TYR B 781 -15.13 -2.01 23.07
N VAL B 782 -14.36 -3.05 22.73
CA VAL B 782 -13.48 -3.02 21.57
C VAL B 782 -13.28 -4.46 21.11
N SER B 783 -13.13 -4.66 19.80
CA SER B 783 -13.01 -5.98 19.23
C SER B 783 -11.72 -6.12 18.44
N ALA B 784 -11.08 -7.27 18.53
CA ALA B 784 -9.82 -7.47 17.80
C ALA B 784 -9.69 -8.91 17.33
N ARG B 785 -9.16 -9.11 16.13
CA ARG B 785 -8.90 -10.44 15.61
C ARG B 785 -7.41 -10.74 15.59
N THR B 786 -7.01 -11.82 16.25
CA THR B 786 -5.62 -12.27 16.26
C THR B 786 -5.12 -12.64 14.87
N MET B 787 -3.80 -12.74 14.74
CA MET B 787 -3.17 -13.17 13.50
C MET B 787 -3.36 -14.68 13.28
N PRO B 788 -3.21 -15.16 12.04
CA PRO B 788 -3.25 -16.61 11.81
C PRO B 788 -1.89 -17.22 12.10
N GLU B 789 -1.82 -18.56 12.04
CA GLU B 789 -0.51 -19.18 12.13
C GLU B 789 0.10 -19.39 10.75
N ALA B 790 1.42 -19.64 10.75
CA ALA B 790 2.15 -19.85 9.52
C ALA B 790 1.75 -21.14 8.80
N LYS B 791 1.97 -22.29 9.43
CA LYS B 791 1.71 -23.56 8.76
C LYS B 791 0.47 -24.29 9.28
N ALA B 792 -0.45 -23.57 9.93
CA ALA B 792 -1.67 -24.19 10.46
C ALA B 792 -2.49 -24.87 9.37
N ASP B 793 -2.51 -24.29 8.17
CA ASP B 793 -3.33 -24.80 7.09
C ASP B 793 -2.59 -25.74 6.14
N ASP B 794 -1.26 -25.83 6.27
CA ASP B 794 -0.48 -26.73 5.43
C ASP B 794 -0.85 -28.18 5.70
N ILE B 795 -1.02 -28.94 4.63
CA ILE B 795 -1.41 -30.34 4.71
C ILE B 795 -0.16 -31.18 4.87
N VAL B 796 -0.19 -32.08 5.85
CA VAL B 796 0.91 -33.00 6.13
C VAL B 796 0.48 -34.43 5.88
N GLY B 797 1.44 -35.35 6.02
CA GLY B 797 1.23 -36.76 5.82
C GLY B 797 1.07 -37.18 4.38
N PRO B 798 1.30 -38.48 4.12
CA PRO B 798 1.20 -39.05 2.77
C PRO B 798 -0.13 -38.80 2.07
N VAL B 799 -0.04 -38.47 0.78
CA VAL B 799 -1.21 -38.41 -0.09
C VAL B 799 -1.41 -39.81 -0.66
N THR B 800 -2.52 -40.44 -0.29
CA THR B 800 -2.80 -41.83 -0.64
C THR B 800 -3.90 -41.86 -1.68
N HIS B 801 -3.89 -42.90 -2.52
CA HIS B 801 -4.96 -43.09 -3.49
C HIS B 801 -5.35 -44.55 -3.57
N GLU B 802 -6.50 -44.77 -4.21
CA GLU B 802 -7.04 -46.08 -4.56
C GLU B 802 -7.58 -45.99 -5.97
N ILE B 803 -7.63 -47.11 -6.68
CA ILE B 803 -8.25 -47.15 -7.99
C ILE B 803 -9.18 -48.35 -8.04
N PHE B 804 -10.40 -48.10 -8.52
CA PHE B 804 -11.50 -49.05 -8.59
C PHE B 804 -11.58 -49.69 -9.98
N GLU B 805 -12.48 -50.68 -10.07
CA GLU B 805 -12.70 -51.46 -11.29
C GLU B 805 -13.16 -50.59 -12.47
N ASN B 806 -13.67 -49.40 -12.20
CA ASN B 806 -14.12 -48.45 -13.21
C ASN B 806 -13.13 -47.31 -13.41
N ASN B 807 -11.88 -47.53 -12.99
CA ASN B 807 -10.75 -46.60 -13.05
C ASN B 807 -11.03 -45.24 -12.40
N VAL B 808 -11.86 -45.21 -11.37
CA VAL B 808 -12.05 -44.00 -10.58
C VAL B 808 -10.95 -43.98 -9.51
N VAL B 809 -10.36 -42.82 -9.26
CA VAL B 809 -9.27 -42.70 -8.30
C VAL B 809 -9.78 -42.01 -7.05
N HIS B 810 -9.93 -42.78 -5.97
CA HIS B 810 -10.35 -42.23 -4.69
C HIS B 810 -9.11 -41.78 -3.92
N LEU B 811 -8.91 -40.47 -3.85
CA LEU B 811 -7.79 -39.91 -3.10
C LEU B 811 -8.16 -39.68 -1.63
N MET B 812 -7.15 -39.79 -0.77
CA MET B 812 -7.31 -39.66 0.67
C MET B 812 -6.06 -39.01 1.23
N TRP B 813 -6.25 -37.95 2.00
CA TRP B 813 -5.15 -37.26 2.66
C TRP B 813 -5.69 -36.72 3.97
N GLN B 814 -4.82 -36.62 4.97
CA GLN B 814 -5.25 -36.18 6.28
C GLN B 814 -5.39 -34.66 6.30
N GLU B 815 -6.55 -34.20 6.77
CA GLU B 815 -6.80 -32.77 6.86
C GLU B 815 -5.96 -32.14 7.97
N PRO B 816 -5.51 -30.89 7.79
CA PRO B 816 -4.74 -30.19 8.83
C PRO B 816 -5.54 -29.97 10.11
N LYS B 817 -5.31 -30.90 11.05
CA LYS B 817 -5.89 -31.07 12.38
C LYS B 817 -6.20 -29.80 13.16
N GLU B 818 -5.28 -28.83 13.13
CA GLU B 818 -5.40 -27.53 13.80
C GLU B 818 -5.10 -26.37 12.87
N PRO B 819 -6.14 -25.79 12.27
CA PRO B 819 -5.94 -24.75 11.26
C PRO B 819 -6.25 -23.35 11.77
N ASN B 820 -6.11 -22.37 10.88
CA ASN B 820 -6.42 -20.97 11.19
C ASN B 820 -7.92 -20.73 11.11
N GLY B 821 -8.58 -20.95 12.24
CA GLY B 821 -10.02 -20.77 12.32
C GLY B 821 -10.75 -22.06 11.98
N LEU B 822 -10.74 -22.39 10.70
CA LEU B 822 -11.33 -23.57 10.08
C LEU B 822 -10.98 -23.49 8.60
N ILE B 823 -11.09 -24.64 7.93
CA ILE B 823 -10.81 -24.75 6.51
C ILE B 823 -12.13 -24.72 5.76
N VAL B 824 -12.30 -23.75 4.87
CA VAL B 824 -13.58 -23.57 4.20
C VAL B 824 -13.75 -24.40 2.93
N LEU B 825 -12.65 -24.84 2.32
CA LEU B 825 -12.65 -25.66 1.10
C LEU B 825 -11.24 -26.11 0.79
N TYR B 826 -11.14 -26.94 -0.23
CA TYR B 826 -9.89 -27.44 -0.78
C TYR B 826 -9.94 -27.32 -2.30
N GLU B 827 -8.76 -27.25 -2.89
CA GLU B 827 -8.62 -27.25 -4.33
C GLU B 827 -7.81 -28.45 -4.80
N VAL B 828 -8.40 -29.23 -5.69
CA VAL B 828 -7.77 -30.40 -6.26
C VAL B 828 -7.26 -29.97 -7.62
N SER B 829 -5.95 -30.05 -7.79
CA SER B 829 -5.27 -29.69 -9.03
C SER B 829 -4.50 -30.85 -9.66
N TYR B 830 -5.17 -31.65 -10.47
CA TYR B 830 -4.54 -32.75 -11.18
C TYR B 830 -3.97 -32.18 -12.47
N ARG B 831 -2.95 -32.83 -13.02
CA ARG B 831 -2.35 -32.29 -14.24
C ARG B 831 -1.59 -33.34 -15.03
N ARG B 832 -1.91 -33.42 -16.32
CA ARG B 832 -1.20 -34.30 -17.24
C ARG B 832 -0.04 -33.50 -17.81
N TYR B 833 1.17 -34.06 -17.70
CA TYR B 833 2.44 -33.45 -18.10
C TYR B 833 2.34 -32.75 -19.45
N GLY B 834 2.60 -31.45 -19.47
CA GLY B 834 2.53 -30.74 -20.74
C GLY B 834 1.29 -29.88 -20.90
N ASP B 835 0.16 -30.36 -20.37
CA ASP B 835 -1.11 -29.64 -20.43
C ASP B 835 -1.12 -28.39 -19.55
N GLU B 836 -2.29 -27.76 -19.45
CA GLU B 836 -2.50 -26.63 -18.57
C GLU B 836 -3.05 -27.13 -17.23
N GLU B 837 -3.04 -26.25 -16.21
CA GLU B 837 -3.52 -26.61 -14.89
C GLU B 837 -5.03 -26.84 -14.88
N LEU B 838 -5.46 -27.83 -14.10
CA LEU B 838 -6.87 -28.11 -13.88
C LEU B 838 -7.18 -27.92 -12.40
N HIS B 839 -8.45 -27.69 -12.11
CA HIS B 839 -8.89 -27.39 -10.75
C HIS B 839 -10.12 -28.20 -10.42
N LEU B 840 -10.53 -28.06 -9.15
CA LEU B 840 -11.74 -28.66 -8.58
C LEU B 840 -11.92 -28.07 -7.19
N CYS B 841 -13.05 -27.43 -6.93
CA CYS B 841 -13.36 -26.94 -5.59
C CYS B 841 -14.12 -28.03 -4.82
N VAL B 842 -13.51 -28.48 -3.73
CA VAL B 842 -14.06 -29.49 -2.83
C VAL B 842 -14.48 -28.76 -1.56
N SER B 843 -15.78 -28.74 -1.29
CA SER B 843 -16.28 -28.07 -0.10
C SER B 843 -16.19 -28.99 1.10
N ARG B 844 -16.33 -28.37 2.29
CA ARG B 844 -16.31 -29.05 3.59
C ARG B 844 -17.16 -30.32 3.65
N LYS B 845 -18.47 -30.17 3.49
CA LYS B 845 -19.41 -31.30 3.51
C LYS B 845 -19.00 -32.42 2.55
N HIS B 846 -18.52 -32.05 1.36
CA HIS B 846 -18.07 -33.01 0.35
C HIS B 846 -16.84 -33.78 0.84
N PHE B 847 -15.80 -33.05 1.23
CA PHE B 847 -14.56 -33.62 1.75
C PHE B 847 -14.84 -34.52 2.94
N ALA B 848 -15.60 -34.03 3.93
CA ALA B 848 -15.87 -34.80 5.13
C ALA B 848 -16.72 -36.02 4.84
N LEU B 849 -17.55 -35.97 3.80
CA LEU B 849 -18.38 -37.11 3.46
C LEU B 849 -17.54 -38.20 2.79
N GLU B 850 -16.95 -37.87 1.63
CA GLU B 850 -16.12 -38.83 0.92
C GLU B 850 -14.85 -39.26 1.65
N ARG B 851 -14.35 -38.48 2.62
CA ARG B 851 -13.09 -38.73 3.31
C ARG B 851 -11.95 -38.63 2.28
N GLY B 852 -11.68 -37.38 1.93
CA GLY B 852 -10.83 -36.97 0.83
C GLY B 852 -11.57 -36.76 -0.48
N CYS B 853 -10.94 -37.03 -1.61
CA CYS B 853 -11.50 -36.76 -2.91
C CYS B 853 -11.83 -38.03 -3.69
N ARG B 854 -12.43 -37.84 -4.87
CA ARG B 854 -12.78 -38.93 -5.75
C ARG B 854 -12.82 -38.38 -7.17
N LEU B 855 -11.85 -38.80 -7.99
CA LEU B 855 -11.69 -38.40 -9.38
C LEU B 855 -12.28 -39.45 -10.32
N ARG B 856 -13.38 -39.10 -10.99
CA ARG B 856 -14.12 -40.02 -11.84
C ARG B 856 -13.75 -39.92 -13.32
N GLY B 857 -13.33 -41.04 -13.90
CA GLY B 857 -13.05 -41.21 -15.33
C GLY B 857 -11.96 -40.44 -16.03
N LEU B 858 -10.71 -40.60 -15.61
CA LEU B 858 -9.55 -39.97 -16.23
C LEU B 858 -8.89 -40.87 -17.24
N SER B 859 -8.45 -40.27 -18.35
CA SER B 859 -7.70 -41.00 -19.38
C SER B 859 -6.37 -41.52 -18.82
N PRO B 860 -5.84 -42.63 -19.36
CA PRO B 860 -4.62 -43.24 -18.79
C PRO B 860 -3.40 -42.34 -18.83
N GLY B 861 -2.40 -42.67 -18.03
CA GLY B 861 -1.18 -41.90 -18.01
C GLY B 861 -0.70 -41.59 -16.61
N ASN B 862 0.47 -40.96 -16.54
CA ASN B 862 1.07 -40.56 -15.27
C ASN B 862 0.67 -39.12 -15.00
N TYR B 863 -0.04 -38.90 -13.90
CA TYR B 863 -0.56 -37.59 -13.53
C TYR B 863 0.12 -37.05 -12.29
N SER B 864 0.35 -35.73 -12.30
CA SER B 864 1.00 -34.97 -11.23
C SER B 864 -0.08 -34.25 -10.44
N VAL B 865 0.04 -34.27 -9.12
CA VAL B 865 -0.97 -33.66 -8.25
C VAL B 865 -0.33 -32.65 -7.30
N ARG B 866 -1.02 -31.51 -7.13
CA ARG B 866 -0.76 -30.49 -6.13
C ARG B 866 -2.08 -30.26 -5.42
N ILE B 867 -2.05 -30.06 -4.10
CA ILE B 867 -3.26 -29.81 -3.31
C ILE B 867 -3.09 -28.52 -2.51
N ARG B 868 -4.14 -27.70 -2.41
CA ARG B 868 -4.02 -26.42 -1.70
C ARG B 868 -5.26 -26.21 -0.85
N ALA B 869 -5.08 -26.32 0.47
CA ALA B 869 -6.11 -26.04 1.45
C ALA B 869 -6.45 -24.56 1.49
N THR B 870 -7.74 -24.23 1.45
CA THR B 870 -8.19 -22.84 1.55
C THR B 870 -8.97 -22.66 2.85
N SER B 871 -8.42 -21.84 3.75
CA SER B 871 -9.08 -21.58 5.01
C SER B 871 -9.71 -20.19 4.99
N LEU B 872 -10.35 -19.84 6.11
CA LEU B 872 -10.87 -18.49 6.34
C LEU B 872 -9.79 -17.41 6.26
N ALA B 873 -8.55 -17.77 6.60
CA ALA B 873 -7.40 -16.89 6.61
C ALA B 873 -6.69 -16.75 5.27
N GLY B 874 -6.52 -17.85 4.55
CA GLY B 874 -5.75 -17.76 3.32
C GLY B 874 -5.56 -19.07 2.58
N ASN B 875 -4.33 -19.32 2.14
CA ASN B 875 -4.02 -20.46 1.30
C ASN B 875 -2.89 -21.28 1.89
N GLY B 876 -3.23 -22.46 2.41
CA GLY B 876 -2.25 -23.36 2.97
C GLY B 876 -1.45 -23.92 1.82
N SER B 877 -0.13 -23.67 1.81
CA SER B 877 0.90 -24.06 0.84
C SER B 877 0.62 -25.31 0.02
N TRP B 878 0.79 -25.18 -1.30
CA TRP B 878 0.63 -26.27 -2.24
C TRP B 878 1.49 -27.48 -1.88
N THR B 879 0.84 -28.64 -1.83
CA THR B 879 1.53 -29.88 -1.56
C THR B 879 2.45 -30.18 -2.72
N GLU B 880 3.68 -30.66 -2.41
CA GLU B 880 4.66 -31.03 -3.42
C GLU B 880 4.06 -32.00 -4.44
N PRO B 881 4.48 -31.94 -5.71
CA PRO B 881 3.87 -32.79 -6.74
C PRO B 881 3.99 -34.28 -6.45
N THR B 882 2.85 -34.96 -6.48
CA THR B 882 2.86 -36.41 -6.35
C THR B 882 2.60 -36.95 -7.75
N TYR B 883 2.86 -38.24 -7.97
CA TYR B 883 2.55 -38.84 -9.25
C TYR B 883 1.78 -40.13 -9.04
N PHE B 884 0.89 -40.40 -9.99
CA PHE B 884 0.14 -41.66 -9.99
C PHE B 884 -0.04 -42.05 -11.44
N TYR B 885 0.09 -43.32 -11.75
CA TYR B 885 -0.04 -43.75 -13.13
C TYR B 885 -1.27 -44.63 -13.25
N VAL B 886 -2.27 -44.15 -13.98
CA VAL B 886 -3.46 -44.94 -14.27
C VAL B 886 -3.22 -45.78 -15.53
N THR B 887 -3.27 -47.12 -15.33
CA THR B 887 -3.02 -48.14 -16.33
C THR B 887 -3.83 -47.92 -17.60
N ASP B 888 -3.26 -48.30 -18.74
CA ASP B 888 -3.93 -48.12 -20.02
C ASP B 888 -4.72 -49.38 -20.35
C1 NAG C . 7.48 33.36 -13.09
C2 NAG C . 7.29 34.17 -14.39
C3 NAG C . 7.61 35.64 -14.15
C4 NAG C . 6.79 36.18 -12.98
C5 NAG C . 7.00 35.31 -11.74
C6 NAG C . 6.13 35.72 -10.58
C7 NAG C . 7.66 32.77 -16.38
C8 NAG C . 8.65 32.32 -17.41
N2 NAG C . 8.12 33.63 -15.46
O3 NAG C . 7.32 36.38 -15.33
O4 NAG C . 7.18 37.52 -12.70
O5 NAG C . 6.68 33.94 -12.05
O6 NAG C . 5.07 36.56 -10.99
O7 NAG C . 6.50 32.37 -16.37
C1 NAG D . 26.86 25.98 -11.65
C2 NAG D . 26.41 27.43 -11.80
C3 NAG D . 26.75 27.96 -13.19
C4 NAG D . 28.23 27.76 -13.49
C5 NAG D . 28.62 26.30 -13.28
C6 NAG D . 30.11 26.05 -13.44
C7 NAG D . 24.47 28.39 -10.63
C8 NAG D . 22.98 28.40 -10.50
N2 NAG D . 24.98 27.56 -11.54
O3 NAG D . 26.42 29.34 -13.27
O4 NAG D . 28.51 28.13 -14.84
O5 NAG D . 28.26 25.88 -11.96
O6 NAG D . 30.73 27.08 -14.19
O7 NAG D . 25.19 29.11 -9.94
C1 NAG E . 18.90 5.90 9.71
C2 NAG E . 18.36 4.63 10.38
C3 NAG E . 18.41 4.77 11.90
C4 NAG E . 19.80 5.19 12.38
C5 NAG E . 20.22 6.46 11.64
C6 NAG E . 21.61 6.91 12.00
C7 NAG E . 16.62 3.16 9.42
C8 NAG E . 17.68 2.11 9.26
N2 NAG E . 17.01 4.32 9.95
O3 NAG E . 18.03 3.53 12.51
O4 NAG E . 19.78 5.43 13.77
O5 NAG E . 20.20 6.22 10.23
O6 NAG E . 22.32 5.92 12.73
O7 NAG E . 15.46 2.96 9.07
C1 NAG F . 4.77 -7.09 19.85
C2 NAG F . 6.08 -7.87 19.76
C3 NAG F . 6.58 -8.23 21.14
C4 NAG F . 6.70 -6.98 22.01
C5 NAG F . 5.38 -6.23 22.04
C6 NAG F . 5.48 -4.90 22.75
C7 NAG F . 6.32 -9.12 17.66
C8 NAG F . 6.11 -10.42 16.96
N2 NAG F . 5.93 -9.06 18.93
O3 NAG F . 7.85 -8.88 21.04
O4 NAG F . 7.08 -7.34 23.33
O5 NAG F . 4.95 -5.93 20.70
O6 NAG F . 6.74 -4.28 22.53
O7 NAG F . 6.84 -8.16 17.10
C1 NAG G . -0.93 -17.62 -1.20
C2 NAG G . 0.32 -17.95 -2.03
C3 NAG G . 1.32 -16.79 -1.96
C4 NAG G . 0.65 -15.49 -2.38
C5 NAG G . -0.59 -15.25 -1.54
C6 NAG G . -1.37 -14.02 -1.98
C7 NAG G . 1.05 -20.27 -2.37
C8 NAG G . 1.73 -21.45 -1.75
N2 NAG G . 0.94 -19.19 -1.59
O3 NAG G . 2.43 -17.07 -2.81
O4 NAG G . 1.57 -14.41 -2.19
O5 NAG G . -1.49 -16.37 -1.65
O6 NAG G . -0.49 -12.96 -2.35
O7 NAG G . 0.62 -20.29 -3.51
C1 NAG H . 25.62 3.94 -4.71
C2 NAG H . 24.57 3.05 -5.38
C3 NAG H . 25.06 2.59 -6.76
C4 NAG H . 25.51 3.76 -7.61
C5 NAG H . 26.56 4.57 -6.86
C6 NAG H . 26.99 5.81 -7.60
C7 NAG H . 23.08 1.80 -3.90
C8 NAG H . 22.91 0.58 -3.06
N2 NAG H . 24.24 1.92 -4.55
O3 NAG H . 24.02 1.89 -7.41
O4 NAG H . 26.06 3.29 -8.84
O5 NAG H . 26.02 5.01 -5.60
O6 NAG H . 26.77 5.68 -9.00
O7 NAG H . 22.19 2.65 -4.00
#